data_3E0Q
#
_entry.id   3E0Q
#
_cell.length_a   47.849
_cell.length_b   120.018
_cell.length_c   131.399
_cell.angle_alpha   90.00
_cell.angle_beta   90.00
_cell.angle_gamma   90.00
#
_symmetry.space_group_name_H-M   'P 21 21 21'
#
loop_
_entity.id
_entity.type
_entity.pdbx_description
1 polymer 'Purine-nucleoside phosphorylase'
2 non-polymer 'DIMETHYL SULFOXIDE'
3 non-polymer 6-amino-5-bromo-1,2,3,4-tetrahydropyrimidine-2,4-dione
4 water water
#
_entity_poly.entity_id   1
_entity_poly.type   'polypeptide(L)'
_entity_poly.pdbx_seq_one_letter_code
;MHESVTANIENVKKVAHHIQKLTSIVPEIGIICGSGLGKLADGVKDKITIPYTKIPNFPQTSVVGHSGNLIFGTLSGRKV
VVMQGRFHMYEGYSNDTVALPIRVMKLLGVKILMVSNAAGGLNRSLKLGDFVILKDHIYLPGLGLNNILVGPNQEAFGTR
FPALSNAYDRDLRKLAVQVAEENGFGNLVHQGVYVMNGGPCYETPAECTMLLNMGCDVVGMSTIPEVVIARHCGIQVFAV
SLVTNISVLDVESDLKPNHEEVLATGAQRAELMQSWFEKIIEKLPKD
;
_entity_poly.pdbx_strand_id   A,B,C
#
loop_
_chem_comp.id
_chem_comp.type
_chem_comp.name
_chem_comp.formula
DMS non-polymer 'DIMETHYL SULFOXIDE' 'C2 H6 O S'
JFD non-polymer 6-amino-5-bromo-1,2,3,4-tetrahydropyrimidine-2,4-dione 'C4 H4 Br N3 O2'
#
# COMPACT_ATOMS: atom_id res chain seq x y z
N VAL A 5 -7.55 15.31 15.89
CA VAL A 5 -6.61 15.98 16.79
C VAL A 5 -5.16 15.51 16.54
N THR A 6 -4.33 16.43 16.05
CA THR A 6 -2.96 16.08 15.66
C THR A 6 -2.16 15.59 16.84
N ALA A 7 -1.42 14.51 16.63
CA ALA A 7 -0.56 13.96 17.66
C ALA A 7 0.71 14.78 17.79
N ASN A 8 0.53 16.10 17.96
CA ASN A 8 1.69 16.98 18.09
C ASN A 8 2.03 17.22 19.57
N ILE A 9 3.17 17.82 19.86
CA ILE A 9 3.57 18.00 21.26
C ILE A 9 2.55 18.78 22.11
N GLU A 10 1.89 19.78 21.54
CA GLU A 10 0.89 20.54 22.29
C GLU A 10 -0.31 19.69 22.71
N ASN A 11 -0.95 19.01 21.76
CA ASN A 11 -2.12 18.21 22.08
C ASN A 11 -1.76 17.05 23.01
N VAL A 12 -0.62 16.42 22.76
CA VAL A 12 -0.22 15.28 23.59
C VAL A 12 0.09 15.70 25.03
N LYS A 13 0.74 16.86 25.21
CA LYS A 13 0.96 17.38 26.57
C LYS A 13 -0.36 17.62 27.31
N LYS A 14 -1.33 18.18 26.59
CA LYS A 14 -2.64 18.45 27.18
C LYS A 14 -3.29 17.18 27.69
N VAL A 15 -3.28 16.13 26.88
CA VAL A 15 -3.82 14.86 27.33
C VAL A 15 -3.05 14.33 28.53
N ALA A 16 -1.72 14.27 28.41
CA ALA A 16 -0.88 13.73 29.49
C ALA A 16 -1.15 14.48 30.81
N HIS A 17 -1.30 15.80 30.72
CA HIS A 17 -1.50 16.60 31.93
C HIS A 17 -2.83 16.30 32.58
N HIS A 18 -3.86 16.11 31.77
CA HIS A 18 -5.15 15.78 32.33
C HIS A 18 -5.05 14.48 33.08
N ILE A 19 -4.37 13.52 32.46
CA ILE A 19 -4.20 12.20 33.04
C ILE A 19 -3.41 12.30 34.35
N GLN A 20 -2.42 13.20 34.38
CA GLN A 20 -1.58 13.39 35.56
C GLN A 20 -2.32 14.00 36.75
N LYS A 21 -3.42 14.70 36.45
CA LYS A 21 -4.33 15.18 37.49
C LYS A 21 -5.22 14.07 38.05
N LEU A 22 -5.40 12.99 37.29
CA LEU A 22 -6.23 11.86 37.75
C LEU A 22 -5.43 10.73 38.38
N THR A 23 -4.11 10.74 38.19
CA THR A 23 -3.29 9.71 38.82
C THR A 23 -1.89 10.24 39.06
N SER A 24 -1.31 9.82 40.17
CA SER A 24 0.05 10.20 40.51
C SER A 24 1.03 9.12 40.08
N ILE A 25 0.48 8.01 39.58
CA ILE A 25 1.31 6.92 39.08
C ILE A 25 2.05 7.32 37.82
N VAL A 26 3.37 7.22 37.88
CA VAL A 26 4.23 7.50 36.72
C VAL A 26 4.72 6.20 36.12
N PRO A 27 3.98 5.69 35.11
CA PRO A 27 4.26 4.40 34.50
C PRO A 27 5.61 4.33 33.79
N GLU A 28 6.26 3.20 33.90
CA GLU A 28 7.51 2.99 33.21
C GLU A 28 7.43 1.92 32.14
N ILE A 29 6.40 1.12 32.24
CA ILE A 29 6.04 0.14 31.28
C ILE A 29 4.57 0.37 30.82
N GLY A 30 4.39 0.40 29.52
CA GLY A 30 3.07 0.55 28.96
C GLY A 30 2.75 -0.76 28.29
N ILE A 31 1.50 -1.19 28.40
CA ILE A 31 1.13 -2.49 27.87
C ILE A 31 -0.10 -2.34 27.02
N ILE A 32 -0.04 -2.85 25.80
CA ILE A 32 -1.18 -2.84 24.91
C ILE A 32 -1.76 -4.24 24.88
N CYS A 33 -2.96 -4.40 25.44
CA CYS A 33 -3.63 -5.68 25.47
C CYS A 33 -4.15 -6.08 24.10
N GLY A 34 -3.68 -7.23 23.63
CA GLY A 34 -4.24 -7.84 22.44
C GLY A 34 -4.63 -9.26 22.84
N SER A 35 -4.63 -10.16 21.86
CA SER A 35 -4.99 -11.54 22.07
C SER A 35 -4.20 -12.16 23.23
N GLY A 36 -4.91 -12.87 24.10
CA GLY A 36 -4.30 -13.55 25.23
C GLY A 36 -4.03 -12.69 26.46
N LEU A 37 -4.27 -11.38 26.39
CA LEU A 37 -3.98 -10.51 27.54
C LEU A 37 -5.23 -9.90 28.17
N GLY A 38 -6.37 -10.55 27.96
CA GLY A 38 -7.64 -10.03 28.45
C GLY A 38 -7.70 -9.87 29.95
N LYS A 39 -7.05 -10.77 30.66
CA LYS A 39 -7.11 -10.78 32.12
C LYS A 39 -6.08 -9.86 32.77
N LEU A 40 -5.13 -9.36 31.99
CA LEU A 40 -3.96 -8.68 32.54
C LEU A 40 -4.29 -7.56 33.54
N ALA A 41 -5.31 -6.76 33.24
CA ALA A 41 -5.67 -5.62 34.08
C ALA A 41 -6.06 -6.04 35.50
N ASP A 42 -6.58 -7.26 35.64
CA ASP A 42 -7.05 -7.76 36.92
C ASP A 42 -5.90 -7.98 37.90
N GLY A 43 -4.74 -8.35 37.38
CA GLY A 43 -3.57 -8.53 38.22
C GLY A 43 -3.03 -7.21 38.71
N VAL A 44 -3.31 -6.13 37.98
CA VAL A 44 -2.79 -4.82 38.34
C VAL A 44 -3.27 -4.41 39.72
N LYS A 45 -2.33 -4.14 40.62
CA LYS A 45 -2.66 -3.75 41.99
C LYS A 45 -2.61 -2.25 42.19
N ASP A 46 -3.32 -1.78 43.22
CA ASP A 46 -3.46 -0.36 43.49
C ASP A 46 -3.82 0.39 42.21
N LYS A 47 -4.76 -0.18 41.48
CA LYS A 47 -5.09 0.33 40.16
C LYS A 47 -6.11 1.46 40.19
N ILE A 48 -5.97 2.36 39.23
CA ILE A 48 -7.01 3.31 38.91
C ILE A 48 -7.39 3.11 37.46
N THR A 49 -8.69 3.09 37.18
CA THR A 49 -9.16 2.85 35.82
C THR A 49 -9.74 4.13 35.24
N ILE A 50 -9.21 4.54 34.10
CA ILE A 50 -9.65 5.78 33.45
C ILE A 50 -10.20 5.50 32.06
N PRO A 51 -11.54 5.45 31.94
CA PRO A 51 -12.17 5.28 30.63
C PRO A 51 -11.73 6.35 29.65
N TYR A 52 -11.59 5.98 28.37
CA TYR A 52 -11.16 6.93 27.37
C TYR A 52 -12.12 8.10 27.33
N THR A 53 -13.39 7.81 27.65
CA THR A 53 -14.44 8.81 27.63
C THR A 53 -14.17 9.95 28.60
N LYS A 54 -13.34 9.71 29.60
CA LYS A 54 -13.10 10.75 30.59
C LYS A 54 -11.83 11.55 30.35
N ILE A 55 -11.20 11.33 29.20
CA ILE A 55 -9.97 12.04 28.86
C ILE A 55 -10.18 12.92 27.64
N PRO A 56 -10.25 14.25 27.84
CA PRO A 56 -10.51 15.16 26.73
C PRO A 56 -9.46 14.97 25.64
N ASN A 57 -9.91 14.85 24.39
CA ASN A 57 -9.03 14.71 23.23
C ASN A 57 -8.33 13.38 23.05
N PHE A 58 -8.51 12.45 23.99
CA PHE A 58 -8.01 11.11 23.81
C PHE A 58 -8.97 10.42 22.84
N PRO A 59 -8.46 9.59 21.93
CA PRO A 59 -9.36 8.93 20.97
C PRO A 59 -10.33 7.98 21.65
N GLN A 60 -11.46 7.74 21.00
CA GLN A 60 -12.53 6.98 21.61
C GLN A 60 -12.83 5.70 20.82
N THR A 61 -13.01 4.58 21.53
CA THR A 61 -13.28 3.29 20.90
C THR A 61 -14.28 2.46 21.73
N SER A 62 -15.05 1.62 21.02
CA SER A 62 -16.18 0.87 21.60
C SER A 62 -15.86 0.20 22.92
N HIS A 66 -18.24 -0.33 24.84
CA HIS A 66 -17.94 -0.61 26.22
C HIS A 66 -16.59 0.08 26.33
N SER A 67 -16.64 1.41 26.39
CA SER A 67 -15.45 2.27 26.28
C SER A 67 -14.14 1.62 26.70
N GLY A 68 -13.09 1.89 25.94
CA GLY A 68 -11.75 1.49 26.31
C GLY A 68 -11.31 2.18 27.59
N ASN A 69 -10.27 1.64 28.21
CA ASN A 69 -9.74 2.19 29.45
C ASN A 69 -8.22 2.27 29.44
N LEU A 70 -7.71 3.28 30.13
CA LEU A 70 -6.33 3.31 30.59
C LEU A 70 -6.32 2.89 32.05
N ILE A 71 -5.56 1.84 32.36
CA ILE A 71 -5.46 1.33 33.72
C ILE A 71 -4.05 1.59 34.26
N PHE A 72 -3.97 2.30 35.38
CA PHE A 72 -2.69 2.65 35.98
C PHE A 72 -2.55 1.88 37.28
N GLY A 73 -1.31 1.53 37.61
CA GLY A 73 -1.08 0.74 38.81
C GLY A 73 0.24 -0.01 38.82
N THR A 74 0.30 -1.02 39.68
CA THR A 74 1.52 -1.79 39.93
C THR A 74 1.34 -3.24 39.50
N LEU A 75 2.28 -3.73 38.68
CA LEU A 75 2.27 -5.11 38.24
C LEU A 75 3.67 -5.65 38.47
N SER A 76 3.78 -6.74 39.22
CA SER A 76 5.09 -7.31 39.49
C SER A 76 6.04 -6.25 40.07
N GLY A 77 5.53 -5.48 41.02
CA GLY A 77 6.36 -4.48 41.68
C GLY A 77 6.76 -3.30 40.80
N ARG A 78 6.26 -3.25 39.56
CA ARG A 78 6.58 -2.13 38.68
C ARG A 78 5.34 -1.29 38.33
N LYS A 79 5.55 0.02 38.11
CA LYS A 79 4.49 0.94 37.71
C LYS A 79 4.17 0.79 36.22
N VAL A 80 2.90 0.54 35.93
CA VAL A 80 2.49 0.29 34.55
C VAL A 80 1.27 1.12 34.15
N VAL A 81 1.09 1.28 32.84
CA VAL A 81 -0.18 1.73 32.31
C VAL A 81 -0.62 0.70 31.28
N VAL A 82 -1.83 0.18 31.45
CA VAL A 82 -2.37 -0.79 30.53
C VAL A 82 -3.43 -0.16 29.63
N MET A 83 -3.29 -0.37 28.33
CA MET A 83 -4.25 0.16 27.38
C MET A 83 -5.25 -0.93 27.02
N GLN A 84 -6.51 -0.73 27.38
CA GLN A 84 -7.56 -1.73 27.11
C GLN A 84 -8.51 -1.15 26.09
N GLY A 85 -8.37 -1.55 24.83
CA GLY A 85 -9.08 -0.94 23.73
C GLY A 85 -8.09 -0.27 22.79
N ARG A 86 -7.95 -0.84 21.60
CA ARG A 86 -6.96 -0.39 20.63
C ARG A 86 -7.63 0.25 19.42
N PHE A 87 -6.82 0.82 18.55
CA PHE A 87 -7.33 1.53 17.38
C PHE A 87 -6.72 0.94 16.12
N HIS A 88 -7.42 -0.02 15.51
CA HIS A 88 -6.88 -0.69 14.32
C HIS A 88 -7.21 0.10 13.06
N MET A 89 -6.27 0.12 12.12
CA MET A 89 -6.43 0.91 10.91
C MET A 89 -7.55 0.42 10.01
N TYR A 90 -7.89 -0.87 10.07
CA TYR A 90 -9.02 -1.36 9.25
C TYR A 90 -10.38 -0.81 9.72
N GLU A 91 -10.42 -0.23 10.93
CA GLU A 91 -11.66 0.38 11.44
C GLU A 91 -11.87 1.78 10.88
N GLY A 92 -10.86 2.31 10.19
CA GLY A 92 -10.91 3.63 9.61
C GLY A 92 -10.26 4.73 10.45
N TYR A 93 -9.52 4.35 11.48
CA TYR A 93 -8.83 5.34 12.32
C TYR A 93 -7.69 6.04 11.59
N SER A 94 -7.45 7.30 11.95
CA SER A 94 -6.39 8.09 11.35
C SER A 94 -5.02 7.77 11.97
N ASN A 95 -3.96 8.15 11.26
CA ASN A 95 -2.61 8.08 11.79
C ASN A 95 -2.45 8.78 13.12
N ASP A 96 -2.99 10.00 13.22
CA ASP A 96 -2.89 10.78 14.44
C ASP A 96 -3.64 10.12 15.59
N THR A 97 -4.79 9.50 15.27
CA THR A 97 -5.55 8.79 16.28
C THR A 97 -4.77 7.62 16.88
N VAL A 98 -4.19 6.79 16.04
CA VAL A 98 -3.40 5.67 16.56
C VAL A 98 -2.13 6.12 17.32
N ALA A 99 -1.46 7.16 16.82
CA ALA A 99 -0.19 7.60 17.42
C ALA A 99 -0.35 8.32 18.75
N LEU A 100 -1.47 9.00 18.96
CA LEU A 100 -1.60 9.82 20.15
C LEU A 100 -1.44 9.05 21.47
N PRO A 101 -2.11 7.90 21.63
CA PRO A 101 -1.97 7.19 22.90
C PRO A 101 -0.54 6.77 23.19
N ILE A 102 0.23 6.41 22.16
CA ILE A 102 1.62 6.02 22.35
C ILE A 102 2.46 7.22 22.78
N ARG A 103 2.22 8.35 22.12
CA ARG A 103 2.92 9.56 22.48
C ARG A 103 2.59 10.05 23.88
N VAL A 104 1.36 9.80 24.31
CA VAL A 104 0.96 10.14 25.68
C VAL A 104 1.75 9.25 26.68
N MET A 105 1.82 7.95 26.40
CA MET A 105 2.62 7.06 27.21
C MET A 105 4.03 7.62 27.41
N LYS A 106 4.62 8.09 26.32
CA LYS A 106 5.97 8.67 26.35
C LYS A 106 6.04 9.88 27.30
N LEU A 107 5.12 10.81 27.14
CA LEU A 107 5.08 11.97 28.05
C LEU A 107 4.84 11.53 29.50
N LEU A 108 4.12 10.44 29.69
CA LEU A 108 3.81 9.92 31.03
C LEU A 108 4.98 9.19 31.70
N GLY A 109 6.02 8.87 30.94
CA GLY A 109 7.22 8.25 31.49
C GLY A 109 7.53 6.84 31.02
N VAL A 110 6.73 6.32 30.09
CA VAL A 110 6.91 4.94 29.64
C VAL A 110 8.26 4.78 28.92
N LYS A 111 8.99 3.73 29.25
CA LYS A 111 10.29 3.47 28.65
C LYS A 111 10.26 2.20 27.82
N ILE A 112 9.32 1.33 28.15
CA ILE A 112 9.15 0.05 27.48
C ILE A 112 7.66 -0.15 27.17
N LEU A 113 7.37 -0.53 25.93
CA LEU A 113 6.03 -0.96 25.52
C LEU A 113 5.98 -2.47 25.28
N MET A 114 4.99 -3.13 25.90
CA MET A 114 4.75 -4.56 25.69
C MET A 114 3.41 -4.74 25.00
N VAL A 115 3.37 -5.54 23.94
CA VAL A 115 2.12 -5.68 23.19
C VAL A 115 1.88 -7.12 22.70
N SER A 116 0.62 -7.54 22.69
CA SER A 116 0.28 -8.85 22.12
C SER A 116 -0.68 -8.63 20.97
N ASN A 117 -0.78 -9.62 20.08
CA ASN A 117 -1.80 -9.60 19.04
C ASN A 117 -2.10 -11.00 18.59
N ALA A 118 -3.20 -11.17 17.86
CA ALA A 118 -3.53 -12.44 17.24
C ALA A 118 -2.93 -12.44 15.84
N ALA A 119 -2.45 -13.60 15.38
CA ALA A 119 -1.91 -13.69 14.02
C ALA A 119 -2.13 -15.08 13.41
N GLY A 120 -2.13 -15.13 12.09
CA GLY A 120 -2.15 -16.39 11.39
C GLY A 120 -0.74 -16.95 11.26
N GLY A 121 -0.61 -18.26 11.43
CA GLY A 121 0.66 -18.95 11.36
C GLY A 121 0.99 -19.30 9.92
N LEU A 122 1.95 -18.58 9.35
CA LEU A 122 2.40 -18.83 7.99
C LEU A 122 3.46 -19.92 7.99
N ASN A 123 4.46 -19.74 8.85
CA ASN A 123 5.51 -20.73 9.08
C ASN A 123 4.91 -22.10 9.40
N ARG A 124 5.21 -23.08 8.56
CA ARG A 124 4.59 -24.41 8.64
C ARG A 124 4.97 -25.22 9.88
N SER A 125 5.91 -24.73 10.67
CA SER A 125 6.26 -25.43 11.88
C SER A 125 5.48 -24.89 13.10
N LEU A 126 4.72 -23.81 12.91
CA LEU A 126 3.95 -23.22 14.00
C LEU A 126 2.74 -24.09 14.36
N LYS A 127 2.39 -24.12 15.65
CA LYS A 127 1.19 -24.80 16.13
C LYS A 127 0.19 -23.81 16.70
N LEU A 128 -1.10 -24.11 16.54
CA LEU A 128 -2.14 -23.34 17.17
C LEU A 128 -1.77 -23.08 18.62
N GLY A 129 -1.85 -21.83 19.05
CA GLY A 129 -1.58 -21.48 20.43
C GLY A 129 -0.12 -21.24 20.75
N ASP A 130 0.77 -21.34 19.74
CA ASP A 130 2.17 -20.98 19.95
C ASP A 130 2.33 -19.48 20.17
N PHE A 131 3.43 -19.09 20.70
CA PHE A 131 3.78 -17.69 20.94
C PHE A 131 4.89 -17.33 19.99
N VAL A 132 4.68 -16.36 19.17
CA VAL A 132 5.73 -15.94 18.26
C VAL A 132 6.19 -14.55 18.64
N ILE A 133 7.29 -14.46 19.36
CA ILE A 133 7.90 -13.18 19.67
C ILE A 133 8.36 -12.52 18.38
N LEU A 134 7.95 -11.27 18.18
CA LEU A 134 8.39 -10.55 17.01
C LEU A 134 9.86 -10.14 17.14
N LYS A 135 10.68 -10.50 16.16
CA LYS A 135 12.05 -9.97 16.11
C LYS A 135 12.23 -9.01 14.93
N ASP A 136 11.27 -8.99 14.01
CA ASP A 136 11.30 -8.03 12.90
C ASP A 136 9.93 -8.00 12.24
N HIS A 137 9.72 -7.07 11.32
CA HIS A 137 8.43 -7.00 10.64
C HIS A 137 8.52 -6.56 9.21
N ILE A 138 7.43 -6.75 8.46
CA ILE A 138 7.29 -6.21 7.11
C ILE A 138 5.99 -5.42 7.11
N TYR A 139 6.12 -4.11 6.98
CA TYR A 139 5.00 -3.17 7.12
C TYR A 139 4.40 -2.89 5.75
N LEU A 140 3.60 -3.81 5.21
CA LEU A 140 3.10 -3.62 3.83
C LEU A 140 2.44 -2.26 3.62
N PRO A 141 1.51 -1.86 4.51
CA PRO A 141 0.93 -0.51 4.32
C PRO A 141 1.99 0.58 4.33
N GLY A 142 3.01 0.42 5.16
CA GLY A 142 4.08 1.42 5.23
C GLY A 142 4.96 1.51 3.98
N LEU A 143 5.31 0.39 3.38
CA LEU A 143 6.01 0.41 2.10
C LEU A 143 5.14 1.06 1.03
N GLY A 144 3.82 0.93 1.16
CA GLY A 144 2.90 1.38 0.13
C GLY A 144 2.32 2.78 0.29
N LEU A 145 2.94 3.59 1.14
CA LEU A 145 2.60 5.01 1.34
C LEU A 145 1.52 5.26 2.40
N ASN A 146 1.13 4.21 3.11
CA ASN A 146 0.23 4.36 4.24
C ASN A 146 0.99 4.15 5.57
N ASN A 147 2.20 4.67 5.66
CA ASN A 147 2.95 4.64 6.92
C ASN A 147 2.33 5.61 7.93
N ILE A 148 2.24 5.18 9.18
CA ILE A 148 1.63 6.02 10.23
C ILE A 148 2.36 7.37 10.40
N LEU A 149 3.63 7.44 10.01
CA LEU A 149 4.41 8.68 10.16
C LEU A 149 4.29 9.61 8.96
N VAL A 150 3.56 9.19 7.93
CA VAL A 150 3.41 10.05 6.75
C VAL A 150 2.77 11.36 7.19
N GLY A 151 3.31 12.47 6.70
CA GLY A 151 2.88 13.79 7.14
C GLY A 151 4.05 14.53 7.76
N PRO A 152 3.79 15.77 8.24
CA PRO A 152 4.84 16.55 8.89
C PRO A 152 5.39 15.77 10.07
N ASN A 153 6.72 15.73 10.18
CA ASN A 153 7.34 15.06 11.30
C ASN A 153 7.18 15.89 12.58
N GLN A 154 6.83 15.23 13.66
CA GLN A 154 6.71 15.95 14.93
C GLN A 154 8.06 15.87 15.66
N GLU A 155 8.84 16.96 15.59
CA GLU A 155 10.21 16.95 16.06
C GLU A 155 10.43 16.76 17.55
N ALA A 156 9.48 17.19 18.39
CA ALA A 156 9.56 16.94 19.82
C ALA A 156 9.54 15.44 20.15
N PHE A 157 8.97 14.65 19.27
CA PHE A 157 8.93 13.21 19.51
C PHE A 157 10.07 12.44 18.91
N GLY A 158 10.49 12.82 17.71
CA GLY A 158 11.50 12.04 17.02
C GLY A 158 11.94 12.59 15.68
N THR A 159 12.80 11.82 15.02
CA THR A 159 13.47 12.24 13.80
C THR A 159 12.66 11.94 12.53
N ARG A 160 12.96 12.66 11.45
CA ARG A 160 12.16 12.53 10.24
C ARG A 160 12.23 11.13 9.65
N PHE A 161 13.42 10.54 9.66
CA PHE A 161 13.63 9.21 9.10
C PHE A 161 14.09 8.21 10.15
N PRO A 162 13.15 7.68 10.95
CA PRO A 162 13.59 6.74 11.99
C PRO A 162 14.13 5.44 11.42
N ALA A 163 15.16 4.89 12.07
CA ALA A 163 15.68 3.57 11.73
C ALA A 163 14.92 2.52 12.49
N LEU A 164 14.78 1.33 11.92
CA LEU A 164 14.07 0.22 12.57
C LEU A 164 14.93 -1.04 12.84
N SER A 165 16.24 -0.88 13.00
CA SER A 165 17.16 -2.05 13.04
C SER A 165 17.09 -3.03 14.23
N ASN A 166 16.83 -2.48 15.43
CA ASN A 166 16.65 -3.25 16.66
C ASN A 166 15.28 -2.82 17.20
N ALA A 167 14.30 -2.74 16.29
CA ALA A 167 12.97 -2.30 16.68
C ALA A 167 12.41 -3.15 17.81
N TYR A 168 12.63 -4.46 17.73
CA TYR A 168 12.15 -5.39 18.75
C TYR A 168 13.23 -5.70 19.76
N ASP A 169 13.68 -4.67 20.48
CA ASP A 169 14.72 -4.83 21.50
C ASP A 169 15.09 -6.30 21.68
N ARG A 170 16.33 -6.63 21.36
CA ARG A 170 16.82 -8.00 21.50
C ARG A 170 16.85 -8.43 22.96
N ASP A 171 17.40 -7.57 23.81
CA ASP A 171 17.50 -7.86 25.24
C ASP A 171 16.16 -8.26 25.85
N LEU A 172 15.09 -7.50 25.54
CA LEU A 172 13.77 -7.89 26.01
C LEU A 172 13.40 -9.28 25.46
N ARG A 173 13.78 -9.52 24.20
CA ARG A 173 13.50 -10.79 23.56
C ARG A 173 14.22 -11.93 24.26
N LYS A 174 15.45 -11.68 24.70
CA LYS A 174 16.24 -12.68 25.40
C LYS A 174 15.61 -13.02 26.74
N LEU A 175 15.17 -12.00 27.46
CA LEU A 175 14.53 -12.21 28.77
C LEU A 175 13.23 -12.98 28.63
N ALA A 176 12.41 -12.59 27.65
CA ALA A 176 11.15 -13.27 27.41
C ALA A 176 11.35 -14.76 27.19
N VAL A 177 12.33 -15.10 26.37
CA VAL A 177 12.64 -16.50 26.07
C VAL A 177 13.15 -17.23 27.32
N GLN A 178 13.99 -16.55 28.10
CA GLN A 178 14.52 -17.13 29.34
C GLN A 178 13.39 -17.44 30.33
N VAL A 179 12.51 -16.47 30.51
CA VAL A 179 11.35 -16.64 31.40
C VAL A 179 10.47 -17.81 31.00
N ALA A 180 10.18 -17.93 29.69
CA ALA A 180 9.40 -19.05 29.19
C ALA A 180 10.06 -20.39 29.50
N GLU A 181 11.34 -20.49 29.16
CA GLU A 181 12.09 -21.71 29.34
C GLU A 181 12.13 -22.12 30.81
N GLU A 182 12.44 -21.17 31.69
CA GLU A 182 12.55 -21.51 33.10
C GLU A 182 11.19 -21.82 33.73
N ASN A 183 10.10 -21.38 33.09
CA ASN A 183 8.78 -21.68 33.62
C ASN A 183 8.04 -22.83 32.91
N GLY A 184 8.75 -23.53 32.03
CA GLY A 184 8.24 -24.77 31.49
C GLY A 184 7.36 -24.68 30.27
N PHE A 185 7.42 -23.56 29.54
CA PHE A 185 6.67 -23.46 28.29
C PHE A 185 7.53 -22.95 27.15
N GLY A 186 8.84 -23.20 27.25
CA GLY A 186 9.77 -22.83 26.20
C GLY A 186 9.37 -23.42 24.86
N ASN A 187 8.75 -24.60 24.90
CA ASN A 187 8.31 -25.29 23.68
C ASN A 187 7.27 -24.51 22.86
N LEU A 188 6.61 -23.55 23.51
CA LEU A 188 5.53 -22.78 22.87
C LEU A 188 6.07 -21.53 22.15
N VAL A 189 7.30 -21.16 22.48
CA VAL A 189 7.84 -19.86 22.11
C VAL A 189 8.79 -19.90 20.91
N HIS A 190 8.54 -19.02 19.97
CA HIS A 190 9.37 -18.84 18.79
C HIS A 190 9.68 -17.37 18.65
N GLN A 191 10.60 -17.04 17.75
CA GLN A 191 10.80 -15.67 17.36
C GLN A 191 10.62 -15.63 15.86
N GLY A 192 10.00 -14.57 15.35
CA GLY A 192 9.67 -14.58 13.93
C GLY A 192 9.43 -13.21 13.35
N VAL A 193 9.17 -13.21 12.04
CA VAL A 193 8.89 -11.99 11.30
C VAL A 193 7.38 -11.85 11.13
N TYR A 194 6.84 -10.72 11.56
CA TYR A 194 5.40 -10.41 11.45
C TYR A 194 5.15 -9.53 10.23
N VAL A 195 4.17 -9.89 9.41
CA VAL A 195 3.78 -9.02 8.31
C VAL A 195 2.37 -8.47 8.56
N MET A 196 2.21 -7.17 8.36
CA MET A 196 0.91 -6.53 8.48
C MET A 196 0.11 -6.62 7.18
N ASN A 197 -1.08 -7.20 7.28
CA ASN A 197 -2.13 -7.04 6.29
C ASN A 197 -3.10 -5.98 6.81
N GLY A 198 -3.24 -4.88 6.07
CA GLY A 198 -4.09 -3.78 6.49
C GLY A 198 -5.50 -4.23 6.83
N GLY A 199 -6.03 -5.23 6.13
CA GLY A 199 -7.26 -5.90 6.56
C GLY A 199 -8.49 -5.17 6.07
N PRO A 200 -9.69 -5.56 6.54
CA PRO A 200 -10.06 -6.53 7.57
C PRO A 200 -10.31 -7.98 7.09
N CYS A 201 -10.16 -8.24 5.80
CA CYS A 201 -10.27 -9.60 5.28
C CYS A 201 -9.15 -10.49 5.80
N TYR A 202 -9.47 -11.75 6.09
CA TYR A 202 -8.42 -12.74 6.23
C TYR A 202 -7.71 -12.88 4.87
N GLU A 203 -6.49 -13.38 4.90
CA GLU A 203 -5.66 -13.52 3.71
C GLU A 203 -6.10 -14.71 2.87
N THR A 204 -6.10 -14.54 1.55
CA THR A 204 -6.38 -15.66 0.66
C THR A 204 -5.22 -16.65 0.71
N PRO A 205 -5.47 -17.88 0.23
CA PRO A 205 -4.41 -18.88 0.11
C PRO A 205 -3.22 -18.39 -0.74
N ALA A 206 -3.50 -17.69 -1.85
CA ALA A 206 -2.43 -17.13 -2.68
C ALA A 206 -1.67 -16.04 -1.92
N GLU A 207 -2.38 -15.27 -1.11
CA GLU A 207 -1.73 -14.20 -0.35
C GLU A 207 -0.81 -14.79 0.73
N CYS A 208 -1.30 -15.81 1.42
CA CYS A 208 -0.49 -16.48 2.44
C CYS A 208 0.76 -17.11 1.84
N THR A 209 0.61 -17.81 0.72
CA THR A 209 1.76 -18.38 0.04
C THR A 209 2.79 -17.31 -0.33
N MET A 210 2.32 -16.20 -0.90
CA MET A 210 3.22 -15.08 -1.19
C MET A 210 3.92 -14.56 0.05
N LEU A 211 3.17 -14.37 1.13
CA LEU A 211 3.74 -13.85 2.37
C LEU A 211 4.75 -14.82 2.98
N LEU A 212 4.41 -16.10 3.00
CA LEU A 212 5.38 -17.09 3.49
C LEU A 212 6.68 -16.99 2.70
N ASN A 213 6.55 -16.96 1.38
CA ASN A 213 7.72 -16.86 0.52
C ASN A 213 8.47 -15.53 0.61
N MET A 214 7.85 -14.51 1.20
CA MET A 214 8.52 -13.23 1.44
C MET A 214 9.42 -13.33 2.68
N GLY A 215 9.35 -14.44 3.39
CA GLY A 215 10.11 -14.62 4.62
C GLY A 215 9.32 -14.26 5.87
N CYS A 216 7.99 -14.30 5.77
CA CYS A 216 7.12 -13.96 6.89
C CYS A 216 6.67 -15.21 7.65
N ASP A 217 6.66 -15.14 8.98
CA ASP A 217 6.29 -16.29 9.81
C ASP A 217 4.86 -16.19 10.29
N VAL A 218 4.41 -14.96 10.56
CA VAL A 218 3.03 -14.74 11.02
C VAL A 218 2.46 -13.53 10.30
N VAL A 219 1.13 -13.46 10.18
CA VAL A 219 0.45 -12.33 9.54
C VAL A 219 -0.71 -11.83 10.40
N GLY A 220 -0.75 -10.52 10.60
CA GLY A 220 -1.81 -9.90 11.38
C GLY A 220 -2.18 -8.54 10.84
N MET A 221 -3.13 -7.88 11.50
CA MET A 221 -3.66 -6.63 10.98
C MET A 221 -3.37 -5.46 11.90
N SER A 222 -2.48 -5.66 12.87
CA SER A 222 -2.30 -4.67 13.92
C SER A 222 -0.84 -4.45 14.25
N THR A 223 -0.63 -3.66 15.30
CA THR A 223 0.63 -3.59 16.05
C THR A 223 1.74 -2.77 15.43
N ILE A 224 2.05 -3.04 14.17
CA ILE A 224 3.14 -2.33 13.54
C ILE A 224 3.06 -0.79 13.63
N PRO A 225 1.89 -0.20 13.30
CA PRO A 225 1.79 1.26 13.44
C PRO A 225 2.18 1.74 14.86
N GLU A 226 1.69 1.07 15.90
CA GLU A 226 2.06 1.45 17.27
C GLU A 226 3.56 1.26 17.51
N VAL A 227 4.12 0.17 16.99
CA VAL A 227 5.56 -0.09 17.14
C VAL A 227 6.38 1.04 16.51
N VAL A 228 6.05 1.40 15.27
CA VAL A 228 6.75 2.50 14.59
C VAL A 228 6.69 3.81 15.40
N ILE A 229 5.54 4.11 15.98
CA ILE A 229 5.41 5.32 16.78
C ILE A 229 6.26 5.24 18.05
N ALA A 230 6.22 4.10 18.73
CA ALA A 230 7.05 3.86 19.91
C ALA A 230 8.54 4.05 19.59
N ARG A 231 9.01 3.38 18.54
CA ARG A 231 10.40 3.48 18.15
C ARG A 231 10.76 4.92 17.80
N HIS A 232 9.88 5.61 17.08
CA HIS A 232 10.10 7.00 16.69
C HIS A 232 10.41 7.86 17.92
N CYS A 233 9.71 7.62 19.03
CA CYS A 233 9.93 8.46 20.21
C CYS A 233 10.81 7.79 21.27
N GLY A 234 11.49 6.71 20.87
CA GLY A 234 12.51 6.11 21.71
C GLY A 234 12.04 5.18 22.81
N ILE A 235 10.85 4.62 22.64
CA ILE A 235 10.33 3.63 23.58
C ILE A 235 10.79 2.25 23.14
N GLN A 236 11.31 1.46 24.07
CA GLN A 236 11.69 0.10 23.70
C GLN A 236 10.46 -0.78 23.56
N VAL A 237 10.51 -1.69 22.60
CA VAL A 237 9.35 -2.48 22.26
C VAL A 237 9.58 -3.99 22.42
N PHE A 238 8.63 -4.65 23.08
CA PHE A 238 8.52 -6.10 23.09
C PHE A 238 7.14 -6.45 22.56
N ALA A 239 7.08 -7.31 21.55
CA ALA A 239 5.78 -7.67 20.98
C ALA A 239 5.70 -9.17 20.68
N VAL A 240 4.53 -9.76 20.92
CA VAL A 240 4.32 -11.19 20.72
C VAL A 240 3.02 -11.44 19.99
N SER A 241 3.08 -12.28 18.95
CA SER A 241 1.88 -12.76 18.28
C SER A 241 1.48 -14.10 18.86
N LEU A 242 0.21 -14.23 19.17
CA LEU A 242 -0.34 -15.53 19.54
C LEU A 242 -0.86 -16.14 18.25
N VAL A 243 -0.48 -17.39 17.98
CA VAL A 243 -0.91 -18.07 16.76
C VAL A 243 -2.34 -18.59 16.92
N THR A 244 -3.29 -17.82 16.41
CA THR A 244 -4.71 -18.07 16.66
C THR A 244 -5.36 -18.95 15.61
N ASN A 245 -4.63 -19.16 14.51
CA ASN A 245 -5.07 -20.00 13.39
C ASN A 245 -3.88 -20.29 12.49
N ILE A 246 -3.91 -21.45 11.86
CA ILE A 246 -2.86 -21.83 10.92
C ILE A 246 -3.30 -21.42 9.51
N SER A 247 -2.51 -20.56 8.86
CA SER A 247 -2.89 -20.03 7.56
C SER A 247 -3.08 -21.15 6.54
N VAL A 248 -4.15 -21.04 5.77
CA VAL A 248 -4.41 -22.03 4.73
C VAL A 248 -3.78 -21.54 3.43
N LEU A 249 -2.83 -22.33 2.92
CA LEU A 249 -2.06 -21.93 1.75
C LEU A 249 -2.61 -22.61 0.50
N ASP A 250 -3.51 -23.55 0.71
CA ASP A 250 -3.99 -24.41 -0.35
C ASP A 250 -5.41 -24.01 -0.70
N VAL A 251 -5.58 -23.48 -1.90
CA VAL A 251 -6.85 -22.98 -2.35
C VAL A 251 -7.88 -24.10 -2.51
N GLU A 252 -7.40 -25.33 -2.66
CA GLU A 252 -8.31 -26.47 -2.68
C GLU A 252 -8.80 -26.89 -1.30
N SER A 253 -8.03 -26.55 -0.28
CA SER A 253 -8.35 -26.98 1.09
C SER A 253 -9.73 -26.58 1.57
N ASP A 254 -10.20 -27.32 2.58
CA ASP A 254 -11.48 -27.11 3.25
C ASP A 254 -11.32 -26.25 4.48
N LEU A 255 -10.12 -26.27 5.04
CA LEU A 255 -9.82 -25.45 6.21
C LEU A 255 -10.01 -23.98 5.85
N LYS A 256 -10.36 -23.18 6.84
CA LYS A 256 -10.50 -21.73 6.67
C LYS A 256 -10.44 -21.03 8.02
N PRO A 257 -10.05 -19.75 8.01
CA PRO A 257 -9.96 -18.99 9.26
C PRO A 257 -11.36 -18.73 9.76
N ASN A 258 -11.57 -18.88 11.04
CA ASN A 258 -12.87 -18.56 11.62
C ASN A 258 -12.63 -17.69 12.80
N HIS A 259 -13.23 -16.51 12.78
CA HIS A 259 -12.95 -15.52 13.79
C HIS A 259 -13.32 -15.98 15.21
N GLU A 260 -14.38 -16.78 15.34
CA GLU A 260 -14.77 -17.28 16.67
C GLU A 260 -13.72 -18.24 17.22
N GLU A 261 -13.16 -19.07 16.35
CA GLU A 261 -12.07 -19.96 16.77
C GLU A 261 -10.82 -19.15 17.09
N VAL A 262 -10.62 -18.07 16.37
CA VAL A 262 -9.48 -17.19 16.63
C VAL A 262 -9.60 -16.63 18.02
N LEU A 263 -10.78 -16.14 18.37
CA LEU A 263 -10.99 -15.55 19.68
C LEU A 263 -10.80 -16.59 20.78
N ALA A 264 -11.33 -17.78 20.53
CA ALA A 264 -11.28 -18.89 21.46
C ALA A 264 -9.84 -19.30 21.75
N THR A 265 -9.04 -19.38 20.70
CA THR A 265 -7.64 -19.75 20.86
C THR A 265 -6.87 -18.75 21.71
N GLY A 266 -7.05 -17.47 21.42
CA GLY A 266 -6.42 -16.42 22.19
C GLY A 266 -6.82 -16.44 23.65
N ALA A 267 -8.12 -16.57 23.91
CA ALA A 267 -8.64 -16.64 25.27
C ALA A 267 -8.14 -17.87 26.02
N GLN A 268 -7.95 -18.97 25.30
CA GLN A 268 -7.46 -20.19 25.93
C GLN A 268 -6.07 -19.98 26.55
N ARG A 269 -5.26 -19.15 25.89
CA ARG A 269 -3.87 -18.94 26.31
C ARG A 269 -3.69 -17.77 27.26
N ALA A 270 -4.81 -17.13 27.62
CA ALA A 270 -4.78 -15.88 28.39
C ALA A 270 -4.06 -15.97 29.73
N GLU A 271 -4.34 -17.02 30.49
CA GLU A 271 -3.70 -17.23 31.78
C GLU A 271 -2.19 -17.33 31.64
N LEU A 272 -1.75 -18.13 30.67
CA LEU A 272 -0.33 -18.31 30.41
C LEU A 272 0.30 -16.99 29.97
N MET A 273 -0.29 -16.36 28.96
CA MET A 273 0.19 -15.09 28.46
C MET A 273 0.36 -14.08 29.60
N GLN A 274 -0.68 -13.95 30.42
CA GLN A 274 -0.63 -13.12 31.62
C GLN A 274 0.59 -13.42 32.47
N SER A 275 0.73 -14.69 32.85
CA SER A 275 1.83 -15.10 33.72
C SER A 275 3.16 -14.74 33.10
N TRP A 276 3.29 -14.99 31.80
CA TRP A 276 4.51 -14.72 31.06
C TRP A 276 4.87 -13.23 31.13
N PHE A 277 3.91 -12.37 30.80
CA PHE A 277 4.14 -10.93 30.86
C PHE A 277 4.51 -10.46 32.29
N GLU A 278 3.75 -10.92 33.29
CA GLU A 278 4.06 -10.58 34.69
C GLU A 278 5.48 -10.98 35.11
N LYS A 279 5.87 -12.18 34.71
CA LYS A 279 7.18 -12.72 35.08
C LYS A 279 8.31 -12.04 34.33
N ILE A 280 8.05 -11.60 33.10
CA ILE A 280 8.99 -10.72 32.40
C ILE A 280 9.19 -9.38 33.12
N ILE A 281 8.08 -8.72 33.44
CA ILE A 281 8.15 -7.42 34.09
C ILE A 281 8.89 -7.54 35.43
N GLU A 282 8.63 -8.64 36.13
CA GLU A 282 9.29 -8.93 37.40
C GLU A 282 10.82 -8.93 37.28
N LYS A 283 11.33 -9.43 36.17
CA LYS A 283 12.78 -9.56 35.97
C LYS A 283 13.46 -8.43 35.18
N LEU A 284 12.69 -7.43 34.77
CA LEU A 284 13.30 -6.29 34.07
C LEU A 284 14.28 -5.63 35.01
N PRO A 285 15.41 -5.20 34.48
CA PRO A 285 16.45 -4.53 35.28
C PRO A 285 16.01 -3.15 35.73
N LYS A 286 15.92 -2.94 37.04
CA LYS A 286 15.51 -1.65 37.59
C LYS A 286 16.66 -0.98 38.33
N ASP A 287 16.56 0.34 38.49
CA ASP A 287 17.58 1.10 39.19
C ASP A 287 17.03 2.42 39.72
N SER B 4 -18.97 8.52 -1.48
CA SER B 4 -20.19 9.28 -1.74
C SER B 4 -21.22 9.03 -0.65
N VAL B 5 -22.31 8.35 -1.00
CA VAL B 5 -23.24 7.87 0.01
C VAL B 5 -22.74 6.55 0.59
N THR B 6 -22.74 6.47 1.91
CA THR B 6 -22.28 5.28 2.60
C THR B 6 -23.08 4.07 2.17
N ALA B 7 -22.38 2.99 1.83
CA ALA B 7 -23.04 1.77 1.39
C ALA B 7 -23.58 1.02 2.59
N ASN B 8 -24.38 1.71 3.40
CA ASN B 8 -25.06 1.08 4.52
C ASN B 8 -26.42 0.52 4.07
N ILE B 9 -27.07 -0.26 4.95
CA ILE B 9 -28.28 -0.97 4.59
C ILE B 9 -29.41 -0.01 4.21
N GLU B 10 -29.45 1.15 4.86
CA GLU B 10 -30.53 2.10 4.59
C GLU B 10 -30.39 2.75 3.22
N ASN B 11 -29.18 3.18 2.89
CA ASN B 11 -28.94 3.79 1.59
C ASN B 11 -29.10 2.75 0.48
N VAL B 12 -28.66 1.52 0.75
CA VAL B 12 -28.74 0.47 -0.25
C VAL B 12 -30.19 0.01 -0.41
N LYS B 13 -30.90 -0.15 0.70
CA LYS B 13 -32.33 -0.43 0.67
C LYS B 13 -33.08 0.62 -0.15
N LYS B 14 -32.76 1.89 0.07
CA LYS B 14 -33.38 2.96 -0.70
C LYS B 14 -33.23 2.71 -2.19
N VAL B 15 -32.00 2.47 -2.64
CA VAL B 15 -31.74 2.28 -4.06
C VAL B 15 -32.41 1.01 -4.60
N ALA B 16 -32.27 -0.10 -3.88
CA ALA B 16 -32.90 -1.35 -4.33
C ALA B 16 -34.42 -1.20 -4.44
N HIS B 17 -35.01 -0.52 -3.46
CA HIS B 17 -36.46 -0.38 -3.43
C HIS B 17 -36.95 0.46 -4.59
N HIS B 18 -36.12 1.42 -5.01
CA HIS B 18 -36.47 2.24 -6.15
C HIS B 18 -36.47 1.43 -7.43
N ILE B 19 -35.45 0.59 -7.60
CA ILE B 19 -35.33 -0.21 -8.79
C ILE B 19 -36.47 -1.22 -8.88
N GLN B 20 -36.88 -1.75 -7.73
CA GLN B 20 -37.95 -2.75 -7.68
C GLN B 20 -39.32 -2.18 -8.10
N LYS B 21 -39.41 -0.86 -8.19
CA LYS B 21 -40.60 -0.19 -8.68
C LYS B 21 -40.53 0.00 -10.19
N LEU B 22 -39.32 -0.09 -10.74
CA LEU B 22 -39.11 0.08 -12.17
C LEU B 22 -39.08 -1.25 -12.90
N THR B 23 -38.83 -2.34 -12.16
CA THR B 23 -38.87 -3.64 -12.81
C THR B 23 -39.42 -4.72 -11.88
N SER B 24 -40.07 -5.71 -12.50
CA SER B 24 -40.61 -6.83 -11.75
C SER B 24 -39.58 -7.95 -11.76
N ILE B 25 -38.55 -7.80 -12.58
CA ILE B 25 -37.49 -8.79 -12.68
C ILE B 25 -36.68 -8.85 -11.40
N VAL B 26 -36.77 -9.97 -10.70
CA VAL B 26 -35.92 -10.25 -9.55
C VAL B 26 -34.71 -11.02 -10.06
N PRO B 27 -33.56 -10.35 -10.21
CA PRO B 27 -32.40 -11.04 -10.78
C PRO B 27 -31.78 -12.04 -9.80
N GLU B 28 -31.39 -13.23 -10.27
CA GLU B 28 -30.68 -14.18 -9.42
C GLU B 28 -29.21 -14.24 -9.78
N ILE B 29 -28.90 -13.80 -10.98
CA ILE B 29 -27.52 -13.74 -11.44
C ILE B 29 -27.17 -12.29 -11.78
N GLY B 30 -26.03 -11.83 -11.29
CA GLY B 30 -25.51 -10.53 -11.65
C GLY B 30 -24.30 -10.70 -12.56
N ILE B 31 -24.20 -9.84 -13.56
CA ILE B 31 -23.12 -9.92 -14.55
C ILE B 31 -22.46 -8.57 -14.77
N ILE B 32 -21.15 -8.54 -14.61
CA ILE B 32 -20.38 -7.34 -14.88
C ILE B 32 -19.44 -7.66 -16.02
N CYS B 33 -19.76 -7.13 -17.20
CA CYS B 33 -18.94 -7.36 -18.38
C CYS B 33 -17.81 -6.34 -18.40
N GLY B 34 -16.58 -6.83 -18.30
CA GLY B 34 -15.43 -5.95 -18.28
C GLY B 34 -14.70 -6.11 -19.59
N SER B 35 -14.25 -7.33 -19.84
CA SER B 35 -13.65 -7.69 -21.11
C SER B 35 -14.74 -8.21 -22.03
N GLY B 36 -14.33 -8.83 -23.13
CA GLY B 36 -15.22 -9.05 -24.26
C GLY B 36 -16.60 -9.52 -23.83
N LEU B 37 -17.41 -8.58 -23.35
CA LEU B 37 -17.81 -7.43 -24.16
C LEU B 37 -18.40 -6.33 -23.28
N GLY B 38 -19.61 -6.56 -22.78
CA GLY B 38 -20.81 -6.10 -23.46
C GLY B 38 -21.00 -6.78 -24.80
N LYS B 39 -22.27 -6.88 -25.23
CA LYS B 39 -22.73 -8.05 -25.95
C LYS B 39 -22.22 -9.34 -25.31
N LEU B 40 -23.12 -10.29 -25.08
CA LEU B 40 -23.84 -10.37 -23.81
C LEU B 40 -23.97 -9.00 -23.17
N ALA B 41 -24.98 -8.85 -22.32
CA ALA B 41 -26.07 -7.91 -22.58
C ALA B 41 -26.57 -8.04 -24.01
N ASP B 42 -26.01 -9.01 -24.75
CA ASP B 42 -25.97 -8.93 -26.21
C ASP B 42 -27.37 -9.20 -26.72
N GLY B 43 -28.16 -9.79 -25.85
CA GLY B 43 -28.90 -11.02 -26.03
C GLY B 43 -29.94 -11.29 -24.96
N VAL B 44 -29.98 -10.47 -23.92
CA VAL B 44 -30.97 -10.66 -22.88
C VAL B 44 -32.36 -10.26 -23.39
N LYS B 45 -33.37 -11.07 -23.06
CA LYS B 45 -34.73 -10.92 -23.57
C LYS B 45 -35.65 -10.25 -22.56
N ASP B 46 -36.78 -9.74 -23.06
CA ASP B 46 -37.75 -9.04 -22.23
C ASP B 46 -37.05 -8.00 -21.37
N LYS B 47 -36.03 -7.36 -21.94
CA LYS B 47 -35.13 -6.51 -21.18
C LYS B 47 -35.73 -5.17 -20.78
N ILE B 48 -35.29 -4.68 -19.61
CA ILE B 48 -35.57 -3.33 -19.17
C ILE B 48 -34.23 -2.71 -18.93
N THR B 49 -33.99 -1.57 -19.57
CA THR B 49 -32.72 -0.88 -19.44
C THR B 49 -32.91 0.34 -18.55
N ILE B 50 -32.08 0.45 -17.51
CA ILE B 50 -32.21 1.53 -16.54
C ILE B 50 -30.90 2.31 -16.46
N PRO B 51 -30.91 3.57 -16.92
CA PRO B 51 -29.72 4.42 -16.82
C PRO B 51 -29.35 4.65 -15.36
N TYR B 52 -28.06 4.65 -15.04
CA TYR B 52 -27.64 5.00 -13.68
C TYR B 52 -28.19 6.40 -13.35
N THR B 53 -28.21 7.28 -14.34
CA THR B 53 -28.71 8.64 -14.16
C THR B 53 -30.17 8.70 -13.71
N LYS B 54 -30.95 7.66 -13.97
CA LYS B 54 -32.33 7.66 -13.51
C LYS B 54 -32.51 7.02 -12.14
N ILE B 55 -31.39 6.62 -11.52
CA ILE B 55 -31.47 5.95 -10.21
C ILE B 55 -30.91 6.83 -9.09
N PRO B 56 -31.81 7.35 -8.23
CA PRO B 56 -31.38 8.29 -7.18
C PRO B 56 -30.36 7.66 -6.25
N ASN B 57 -29.33 8.43 -5.87
CA ASN B 57 -28.26 7.96 -4.99
C ASN B 57 -27.34 6.88 -5.58
N PHE B 58 -27.59 6.47 -6.81
CA PHE B 58 -26.72 5.48 -7.46
C PHE B 58 -25.48 6.19 -8.02
N PRO B 59 -24.32 5.50 -8.01
CA PRO B 59 -23.11 6.08 -8.62
C PRO B 59 -23.24 6.30 -10.13
N GLN B 60 -22.59 7.34 -10.65
CA GLN B 60 -22.64 7.69 -12.06
C GLN B 60 -21.27 7.60 -12.74
N THR B 61 -21.27 7.11 -13.98
CA THR B 61 -20.06 7.03 -14.83
C THR B 61 -19.43 8.40 -15.14
N SER B 62 -18.22 8.39 -15.71
CA SER B 62 -17.42 9.61 -15.78
C SER B 62 -17.09 10.17 -17.18
N HIS B 66 -20.79 8.03 -22.53
CA HIS B 66 -21.80 7.00 -22.42
C HIS B 66 -22.12 6.68 -20.98
N SER B 67 -23.27 7.15 -20.50
CA SER B 67 -23.73 6.87 -19.15
C SER B 67 -24.14 5.41 -19.03
N GLY B 68 -23.69 4.78 -17.95
CA GLY B 68 -23.94 3.36 -17.75
C GLY B 68 -25.39 2.97 -17.52
N ASN B 69 -25.63 1.67 -17.60
CA ASN B 69 -26.97 1.12 -17.44
C ASN B 69 -26.96 -0.14 -16.60
N LEU B 70 -28.04 -0.34 -15.87
CA LEU B 70 -28.43 -1.64 -15.35
C LEU B 70 -29.41 -2.26 -16.34
N ILE B 71 -29.13 -3.47 -16.78
CA ILE B 71 -30.04 -4.16 -17.71
C ILE B 71 -30.66 -5.38 -17.06
N PHE B 72 -31.99 -5.38 -16.94
CA PHE B 72 -32.71 -6.51 -16.37
C PHE B 72 -33.42 -7.29 -17.47
N GLY B 73 -33.46 -8.61 -17.31
CA GLY B 73 -34.13 -9.46 -18.28
C GLY B 73 -33.77 -10.91 -18.08
N THR B 74 -34.04 -11.74 -19.09
CA THR B 74 -33.70 -13.15 -19.02
C THR B 74 -32.63 -13.51 -20.06
N LEU B 75 -31.69 -14.32 -19.61
CA LEU B 75 -30.57 -14.76 -20.42
C LEU B 75 -30.46 -16.25 -20.15
N SER B 76 -30.46 -17.06 -21.20
CA SER B 76 -30.41 -18.52 -21.07
C SER B 76 -31.41 -18.99 -20.02
N GLY B 77 -32.61 -18.44 -20.08
CA GLY B 77 -33.71 -18.88 -19.22
C GLY B 77 -33.67 -18.42 -17.78
N ARG B 78 -32.67 -17.61 -17.41
CA ARG B 78 -32.54 -17.17 -16.03
C ARG B 78 -32.75 -15.65 -15.94
N LYS B 79 -33.22 -15.16 -14.80
CA LYS B 79 -33.38 -13.73 -14.61
C LYS B 79 -32.02 -13.15 -14.21
N VAL B 80 -31.60 -12.11 -14.91
CA VAL B 80 -30.30 -11.52 -14.67
C VAL B 80 -30.37 -10.01 -14.52
N VAL B 81 -29.34 -9.44 -13.93
CA VAL B 81 -29.11 -8.02 -14.04
C VAL B 81 -27.70 -7.89 -14.57
N VAL B 82 -27.57 -7.17 -15.67
CA VAL B 82 -26.25 -6.88 -16.22
C VAL B 82 -25.87 -5.47 -15.83
N MET B 83 -24.63 -5.31 -15.39
CA MET B 83 -24.12 -4.02 -15.01
C MET B 83 -23.18 -3.51 -16.11
N GLN B 84 -23.60 -2.44 -16.78
CA GLN B 84 -22.86 -1.91 -17.92
C GLN B 84 -22.30 -0.54 -17.55
N GLY B 85 -21.00 -0.47 -17.34
CA GLY B 85 -20.38 0.71 -16.75
C GLY B 85 -19.83 0.38 -15.36
N ARG B 86 -18.52 0.35 -15.26
CA ARG B 86 -17.85 -0.11 -14.04
C ARG B 86 -17.28 1.07 -13.28
N PHE B 87 -16.94 0.83 -12.01
CA PHE B 87 -16.35 1.87 -11.17
C PHE B 87 -14.98 1.40 -10.69
N HIS B 88 -13.91 1.96 -11.25
CA HIS B 88 -12.56 1.51 -10.89
C HIS B 88 -11.88 2.47 -9.94
N MET B 89 -11.13 1.90 -8.99
CA MET B 89 -10.44 2.69 -7.98
C MET B 89 -9.41 3.68 -8.56
N TYR B 90 -8.77 3.35 -9.69
CA TYR B 90 -7.81 4.28 -10.29
C TYR B 90 -8.48 5.55 -10.82
N GLU B 91 -9.79 5.52 -10.98
CA GLU B 91 -10.52 6.73 -11.40
C GLU B 91 -10.75 7.68 -10.24
N GLY B 92 -10.50 7.20 -9.03
CA GLY B 92 -10.72 7.99 -7.83
C GLY B 92 -12.01 7.75 -7.06
N TYR B 93 -12.80 6.76 -7.48
CA TYR B 93 -14.01 6.39 -6.75
C TYR B 93 -13.72 5.91 -5.31
N SER B 94 -14.64 6.18 -4.39
CA SER B 94 -14.49 5.75 -3.01
C SER B 94 -14.85 4.27 -2.82
N ASN B 95 -14.46 3.72 -1.68
CA ASN B 95 -14.85 2.37 -1.30
C ASN B 95 -16.38 2.20 -1.31
N ASP B 96 -17.09 3.21 -0.81
CA ASP B 96 -18.55 3.09 -0.73
C ASP B 96 -19.18 3.11 -2.12
N THR B 97 -18.64 3.95 -3.00
CA THR B 97 -19.14 4.04 -4.37
C THR B 97 -19.03 2.70 -5.07
N VAL B 98 -17.85 2.09 -4.98
CA VAL B 98 -17.59 0.81 -5.64
C VAL B 98 -18.45 -0.31 -5.04
N ALA B 99 -18.65 -0.27 -3.73
CA ALA B 99 -19.39 -1.34 -3.07
C ALA B 99 -20.90 -1.25 -3.28
N LEU B 100 -21.43 -0.03 -3.45
CA LEU B 100 -22.88 0.12 -3.39
C LEU B 100 -23.62 -0.72 -4.41
N PRO B 101 -23.14 -0.71 -5.68
CA PRO B 101 -23.82 -1.45 -6.74
C PRO B 101 -23.89 -2.94 -6.43
N ILE B 102 -22.81 -3.49 -5.87
CA ILE B 102 -22.79 -4.91 -5.52
C ILE B 102 -23.78 -5.23 -4.40
N ARG B 103 -23.80 -4.38 -3.38
CA ARG B 103 -24.76 -4.55 -2.29
C ARG B 103 -26.23 -4.37 -2.76
N VAL B 104 -26.45 -3.46 -3.71
CA VAL B 104 -27.77 -3.30 -4.32
C VAL B 104 -28.20 -4.61 -4.99
N MET B 105 -27.29 -5.22 -5.74
CA MET B 105 -27.53 -6.54 -6.34
C MET B 105 -27.97 -7.56 -5.28
N LYS B 106 -27.29 -7.55 -4.14
CA LYS B 106 -27.63 -8.46 -3.07
C LYS B 106 -29.09 -8.26 -2.65
N LEU B 107 -29.50 -7.00 -2.47
CA LEU B 107 -30.86 -6.70 -2.04
C LEU B 107 -31.90 -7.04 -3.10
N LEU B 108 -31.51 -7.00 -4.36
CA LEU B 108 -32.41 -7.38 -5.46
C LEU B 108 -32.60 -8.89 -5.64
N GLY B 109 -31.75 -9.70 -5.02
CA GLY B 109 -31.92 -11.14 -5.05
C GLY B 109 -30.76 -11.89 -5.70
N VAL B 110 -29.70 -11.18 -6.06
CA VAL B 110 -28.58 -11.80 -6.74
C VAL B 110 -27.91 -12.83 -5.84
N LYS B 111 -27.77 -14.03 -6.37
CA LYS B 111 -27.14 -15.16 -5.68
C LYS B 111 -25.73 -15.43 -6.20
N ILE B 112 -25.50 -15.15 -7.48
CA ILE B 112 -24.21 -15.46 -8.13
C ILE B 112 -23.78 -14.26 -8.96
N LEU B 113 -22.54 -13.83 -8.77
CA LEU B 113 -21.96 -12.75 -9.58
C LEU B 113 -20.98 -13.34 -10.58
N MET B 114 -21.15 -13.01 -11.86
CA MET B 114 -20.22 -13.43 -12.91
C MET B 114 -19.54 -12.19 -13.48
N VAL B 115 -18.21 -12.20 -13.46
CA VAL B 115 -17.42 -11.01 -13.81
C VAL B 115 -16.37 -11.37 -14.87
N SER B 116 -16.21 -10.52 -15.87
CA SER B 116 -15.11 -10.67 -16.82
C SER B 116 -14.22 -9.43 -16.76
N ASN B 117 -12.94 -9.61 -17.08
CA ASN B 117 -12.04 -8.48 -17.24
C ASN B 117 -10.98 -8.77 -18.29
N ALA B 118 -10.22 -7.73 -18.61
CA ALA B 118 -9.04 -7.87 -19.44
C ALA B 118 -7.85 -7.81 -18.51
N ALA B 119 -6.81 -8.60 -18.78
CA ALA B 119 -5.65 -8.64 -17.91
C ALA B 119 -4.35 -8.86 -18.70
N GLY B 120 -3.21 -8.50 -18.11
CA GLY B 120 -1.92 -8.83 -18.69
C GLY B 120 -1.51 -10.23 -18.25
N GLY B 121 -0.99 -11.03 -19.19
CA GLY B 121 -0.56 -12.37 -18.89
C GLY B 121 0.84 -12.38 -18.32
N LEU B 122 0.97 -12.82 -17.07
CA LEU B 122 2.27 -12.94 -16.43
C LEU B 122 2.82 -14.35 -16.65
N ASN B 123 2.00 -15.35 -16.33
CA ASN B 123 2.33 -16.75 -16.54
C ASN B 123 2.82 -16.99 -17.97
N ARG B 124 4.04 -17.51 -18.09
CA ARG B 124 4.70 -17.65 -19.40
C ARG B 124 4.08 -18.72 -20.30
N SER B 125 3.13 -19.48 -19.77
CA SER B 125 2.44 -20.45 -20.59
C SER B 125 1.21 -19.85 -21.27
N LEU B 126 0.92 -18.58 -20.96
CA LEU B 126 -0.29 -17.95 -21.51
C LEU B 126 -0.06 -17.36 -22.90
N LYS B 127 -1.12 -17.33 -23.70
CA LYS B 127 -1.10 -16.73 -25.03
C LYS B 127 -2.18 -15.67 -25.13
N LEU B 128 -1.97 -14.70 -26.01
CA LEU B 128 -3.00 -13.71 -26.31
C LEU B 128 -4.31 -14.42 -26.58
N GLY B 129 -5.38 -13.92 -25.96
CA GLY B 129 -6.71 -14.45 -26.18
C GLY B 129 -7.04 -15.63 -25.29
N ASP B 130 -6.14 -16.00 -24.40
CA ASP B 130 -6.45 -17.08 -23.47
C ASP B 130 -7.47 -16.61 -22.44
N PHE B 131 -8.20 -17.57 -21.87
CA PHE B 131 -9.16 -17.30 -20.82
C PHE B 131 -8.56 -17.79 -19.52
N VAL B 132 -8.44 -16.92 -18.54
CA VAL B 132 -7.94 -17.35 -17.23
C VAL B 132 -9.02 -17.19 -16.18
N ILE B 133 -9.64 -18.30 -15.80
CA ILE B 133 -10.61 -18.33 -14.72
C ILE B 133 -9.87 -18.01 -13.45
N LEU B 134 -10.38 -17.05 -12.66
CA LEU B 134 -9.71 -16.76 -11.40
C LEU B 134 -10.06 -17.85 -10.40
N LYS B 135 -9.05 -18.46 -9.82
CA LYS B 135 -9.26 -19.40 -8.71
C LYS B 135 -8.84 -18.78 -7.37
N ASP B 136 -8.15 -17.64 -7.44
CA ASP B 136 -7.69 -16.94 -6.25
C ASP B 136 -7.16 -15.58 -6.67
N HIS B 137 -6.86 -14.73 -5.68
CA HIS B 137 -6.32 -13.41 -5.99
C HIS B 137 -5.30 -12.94 -4.96
N ILE B 138 -4.55 -11.93 -5.34
CA ILE B 138 -3.69 -11.20 -4.42
C ILE B 138 -4.09 -9.73 -4.51
N TYR B 139 -4.61 -9.22 -3.39
CA TYR B 139 -5.22 -7.91 -3.32
C TYR B 139 -4.17 -6.95 -2.77
N LEU B 140 -3.25 -6.52 -3.62
CA LEU B 140 -2.15 -5.66 -3.16
C LEU B 140 -2.63 -4.41 -2.42
N PRO B 141 -3.59 -3.65 -2.99
CA PRO B 141 -4.13 -2.49 -2.27
C PRO B 141 -4.69 -2.87 -0.91
N GLY B 142 -5.40 -4.00 -0.86
CA GLY B 142 -5.99 -4.48 0.38
C GLY B 142 -4.96 -4.82 1.48
N LEU B 143 -3.90 -5.51 1.10
CA LEU B 143 -2.82 -5.82 2.05
C LEU B 143 -2.14 -4.52 2.50
N GLY B 144 -2.21 -3.51 1.64
CA GLY B 144 -1.57 -2.24 1.93
C GLY B 144 -2.44 -1.14 2.53
N LEU B 145 -3.52 -1.54 3.19
CA LEU B 145 -4.45 -0.63 3.88
C LEU B 145 -5.42 0.15 2.98
N ASN B 146 -5.56 -0.28 1.73
CA ASN B 146 -6.60 0.22 0.84
C ASN B 146 -7.64 -0.84 0.44
N ASN B 147 -8.00 -1.68 1.40
CA ASN B 147 -9.05 -2.68 1.22
C ASN B 147 -10.39 -1.97 1.19
N ILE B 148 -11.24 -2.36 0.25
CA ILE B 148 -12.56 -1.75 0.10
C ILE B 148 -13.40 -1.83 1.40
N LEU B 149 -13.09 -2.78 2.28
CA LEU B 149 -13.83 -2.90 3.55
C LEU B 149 -13.28 -2.05 4.72
N VAL B 150 -12.18 -1.33 4.51
CA VAL B 150 -11.67 -0.48 5.57
C VAL B 150 -12.74 0.56 5.95
N GLY B 151 -12.89 0.82 7.24
CA GLY B 151 -13.93 1.71 7.74
C GLY B 151 -14.85 0.89 8.62
N PRO B 152 -15.85 1.53 9.25
CA PRO B 152 -16.86 0.78 10.04
C PRO B 152 -17.46 -0.36 9.22
N ASN B 153 -17.61 -1.53 9.81
CA ASN B 153 -18.25 -2.63 9.11
C ASN B 153 -19.77 -2.45 9.02
N GLN B 154 -20.34 -2.68 7.82
CA GLN B 154 -21.79 -2.65 7.65
C GLN B 154 -22.37 -4.02 7.95
N GLU B 155 -22.85 -4.17 9.18
CA GLU B 155 -23.07 -5.47 9.75
C GLU B 155 -24.27 -6.16 9.14
N ALA B 156 -25.20 -5.37 8.60
CA ALA B 156 -26.37 -5.89 7.91
C ALA B 156 -25.97 -6.69 6.68
N PHE B 157 -24.82 -6.38 6.11
CA PHE B 157 -24.32 -7.07 4.92
C PHE B 157 -23.40 -8.24 5.21
N GLY B 158 -22.56 -8.13 6.24
CA GLY B 158 -21.65 -9.20 6.57
C GLY B 158 -20.77 -8.95 7.79
N THR B 159 -19.86 -9.87 8.03
CA THR B 159 -19.05 -9.87 9.23
C THR B 159 -17.83 -8.92 9.17
N ARG B 160 -17.25 -8.60 10.32
CA ARG B 160 -16.12 -7.66 10.37
C ARG B 160 -14.88 -8.20 9.66
N PHE B 161 -14.58 -9.49 9.86
CA PHE B 161 -13.36 -10.10 9.32
C PHE B 161 -13.76 -11.24 8.40
N PRO B 162 -14.10 -10.93 7.15
CA PRO B 162 -14.56 -12.03 6.30
C PRO B 162 -13.42 -12.96 5.87
N ALA B 163 -13.71 -14.26 5.83
CA ALA B 163 -12.80 -15.25 5.28
C ALA B 163 -12.95 -15.23 3.75
N LEU B 164 -11.85 -15.40 3.03
CA LEU B 164 -11.89 -15.40 1.58
C LEU B 164 -11.64 -16.80 1.05
N SER B 165 -11.96 -17.78 1.89
CA SER B 165 -11.93 -19.20 1.51
C SER B 165 -13.01 -19.50 0.47
N ASN B 166 -12.61 -20.16 -0.61
CA ASN B 166 -13.52 -20.48 -1.71
C ASN B 166 -14.16 -19.22 -2.27
N ALA B 167 -13.41 -18.13 -2.31
CA ALA B 167 -13.93 -16.86 -2.84
C ALA B 167 -14.38 -17.04 -4.28
N TYR B 168 -13.62 -17.80 -5.05
CA TYR B 168 -13.98 -18.13 -6.43
C TYR B 168 -14.51 -19.54 -6.44
N ASP B 169 -15.84 -19.62 -6.25
CA ASP B 169 -16.51 -20.87 -6.00
C ASP B 169 -15.96 -22.01 -6.84
N ARG B 170 -15.42 -23.04 -6.18
CA ARG B 170 -14.84 -24.14 -6.90
C ARG B 170 -15.87 -24.90 -7.77
N ASP B 171 -17.12 -24.97 -7.31
CA ASP B 171 -18.16 -25.65 -8.08
C ASP B 171 -18.47 -24.88 -9.37
N LEU B 172 -18.47 -23.54 -9.28
CA LEU B 172 -18.71 -22.74 -10.47
C LEU B 172 -17.54 -22.88 -11.43
N ARG B 173 -16.32 -22.98 -10.91
CA ARG B 173 -15.18 -23.16 -11.80
C ARG B 173 -15.23 -24.50 -12.56
N LYS B 174 -15.59 -25.56 -11.86
CA LYS B 174 -15.71 -26.87 -12.46
C LYS B 174 -16.70 -26.85 -13.63
N LEU B 175 -17.85 -26.23 -13.39
CA LEU B 175 -18.90 -26.10 -14.39
C LEU B 175 -18.40 -25.28 -15.57
N ALA B 176 -17.76 -24.15 -15.29
CA ALA B 176 -17.26 -23.32 -16.39
C ALA B 176 -16.29 -24.10 -17.28
N VAL B 177 -15.45 -24.91 -16.66
CA VAL B 177 -14.48 -25.75 -17.39
C VAL B 177 -15.21 -26.79 -18.22
N GLN B 178 -16.21 -27.41 -17.61
CA GLN B 178 -17.03 -28.40 -18.31
C GLN B 178 -17.72 -27.81 -19.52
N VAL B 179 -18.25 -26.59 -19.39
CA VAL B 179 -18.93 -25.97 -20.50
C VAL B 179 -17.95 -25.62 -21.62
N ALA B 180 -16.78 -25.08 -21.28
CA ALA B 180 -15.78 -24.77 -22.30
C ALA B 180 -15.38 -26.03 -23.06
N GLU B 181 -15.18 -27.10 -22.31
CA GLU B 181 -14.68 -28.33 -22.91
C GLU B 181 -15.72 -28.99 -23.78
N GLU B 182 -17.00 -28.90 -23.39
CA GLU B 182 -18.10 -29.46 -24.19
C GLU B 182 -18.27 -28.72 -25.51
N ASN B 183 -17.86 -27.46 -25.53
CA ASN B 183 -18.06 -26.62 -26.70
C ASN B 183 -16.76 -26.41 -27.48
N GLY B 184 -15.78 -27.25 -27.18
CA GLY B 184 -14.59 -27.33 -28.02
C GLY B 184 -13.55 -26.24 -27.85
N PHE B 185 -13.67 -25.41 -26.81
CA PHE B 185 -12.64 -24.41 -26.56
C PHE B 185 -11.92 -24.57 -25.22
N GLY B 186 -11.91 -25.79 -24.70
CA GLY B 186 -11.24 -26.09 -23.45
C GLY B 186 -9.74 -25.85 -23.50
N ASN B 187 -9.15 -25.92 -24.70
CA ASN B 187 -7.73 -25.58 -24.84
C ASN B 187 -7.38 -24.10 -24.57
N LEU B 188 -8.39 -23.24 -24.55
CA LEU B 188 -8.16 -21.82 -24.30
C LEU B 188 -8.25 -21.47 -22.81
N VAL B 189 -8.71 -22.43 -22.01
CA VAL B 189 -9.06 -22.13 -20.63
C VAL B 189 -8.02 -22.57 -19.61
N HIS B 190 -7.55 -21.62 -18.81
CA HIS B 190 -6.66 -21.90 -17.70
C HIS B 190 -7.34 -21.40 -16.43
N GLN B 191 -6.81 -21.79 -15.28
CA GLN B 191 -7.23 -21.22 -14.00
C GLN B 191 -5.98 -20.63 -13.36
N GLY B 192 -6.13 -19.50 -12.69
CA GLY B 192 -4.95 -18.82 -12.16
C GLY B 192 -5.21 -17.81 -11.07
N VAL B 193 -4.11 -17.22 -10.59
CA VAL B 193 -4.20 -16.19 -9.58
C VAL B 193 -4.15 -14.81 -10.24
N TYR B 194 -5.11 -13.96 -9.89
CA TYR B 194 -5.16 -12.61 -10.39
C TYR B 194 -4.64 -11.67 -9.31
N VAL B 195 -3.69 -10.80 -9.69
CA VAL B 195 -3.22 -9.75 -8.79
C VAL B 195 -3.70 -8.38 -9.24
N MET B 196 -4.18 -7.59 -8.29
CA MET B 196 -4.61 -6.24 -8.57
C MET B 196 -3.48 -5.25 -8.44
N ASN B 197 -3.20 -4.56 -9.55
CA ASN B 197 -2.41 -3.34 -9.53
C ASN B 197 -3.40 -2.17 -9.45
N GLY B 198 -3.34 -1.41 -8.37
CA GLY B 198 -4.16 -0.21 -8.20
C GLY B 198 -4.23 0.66 -9.45
N GLY B 199 -3.13 0.75 -10.19
CA GLY B 199 -3.14 1.38 -11.52
C GLY B 199 -3.13 2.87 -11.35
N PRO B 200 -3.27 3.63 -12.46
CA PRO B 200 -3.63 3.23 -13.83
C PRO B 200 -2.43 2.98 -14.76
N CYS B 201 -1.19 3.06 -14.26
CA CYS B 201 -0.02 2.75 -15.08
C CYS B 201 0.01 1.26 -15.41
N TYR B 202 0.40 0.91 -16.63
CA TYR B 202 0.74 -0.47 -16.92
C TYR B 202 1.99 -0.84 -16.12
N GLU B 203 2.18 -2.13 -15.90
CA GLU B 203 3.24 -2.61 -15.03
C GLU B 203 4.61 -2.64 -15.71
N THR B 204 5.65 -2.20 -15.00
CA THR B 204 7.01 -2.22 -15.55
C THR B 204 7.47 -3.67 -15.62
N PRO B 205 8.51 -3.95 -16.41
CA PRO B 205 9.03 -5.31 -16.46
C PRO B 205 9.49 -5.79 -15.10
N ALA B 206 10.08 -4.90 -14.30
CA ALA B 206 10.55 -5.32 -12.98
C ALA B 206 9.33 -5.66 -12.13
N GLU B 207 8.27 -4.87 -12.26
CA GLU B 207 7.04 -5.15 -11.54
C GLU B 207 6.45 -6.50 -11.96
N CYS B 208 6.39 -6.74 -13.27
CA CYS B 208 5.81 -7.98 -13.77
C CYS B 208 6.61 -9.17 -13.27
N THR B 209 7.94 -9.07 -13.28
CA THR B 209 8.81 -10.13 -12.76
C THR B 209 8.52 -10.44 -11.29
N MET B 210 8.41 -9.40 -10.48
CA MET B 210 8.13 -9.59 -9.06
C MET B 210 6.75 -10.26 -8.89
N LEU B 211 5.76 -9.78 -9.63
CA LEU B 211 4.41 -10.34 -9.53
C LEU B 211 4.36 -11.82 -9.93
N LEU B 212 5.08 -12.17 -10.99
CA LEU B 212 5.17 -13.58 -11.40
C LEU B 212 5.80 -14.42 -10.29
N ASN B 213 6.85 -13.88 -9.70
CA ASN B 213 7.54 -14.59 -8.64
C ASN B 213 6.74 -14.66 -7.34
N MET B 214 5.79 -13.75 -7.16
CA MET B 214 4.86 -13.81 -6.02
C MET B 214 3.82 -14.91 -6.22
N GLY B 215 3.83 -15.53 -7.40
CA GLY B 215 2.88 -16.58 -7.72
C GLY B 215 1.64 -16.12 -8.46
N CYS B 216 1.72 -14.96 -9.12
CA CYS B 216 0.59 -14.38 -9.88
C CYS B 216 0.60 -14.81 -11.35
N ASP B 217 -0.58 -15.14 -11.89
CA ASP B 217 -0.68 -15.53 -13.30
C ASP B 217 -1.11 -14.42 -14.24
N VAL B 218 -2.01 -13.56 -13.77
CA VAL B 218 -2.51 -12.43 -14.58
C VAL B 218 -2.57 -11.20 -13.70
N VAL B 219 -2.47 -10.02 -14.33
CA VAL B 219 -2.55 -8.76 -13.58
C VAL B 219 -3.54 -7.82 -14.21
N GLY B 220 -4.29 -7.12 -13.37
CA GLY B 220 -5.29 -6.18 -13.85
C GLY B 220 -5.53 -5.14 -12.79
N MET B 221 -6.41 -4.18 -13.06
CA MET B 221 -6.62 -3.06 -12.14
CA MET B 221 -6.62 -3.07 -12.14
C MET B 221 -8.02 -3.06 -11.55
N SER B 222 -8.72 -4.18 -11.65
CA SER B 222 -10.11 -4.17 -11.21
C SER B 222 -10.52 -5.44 -10.50
N THR B 223 -11.83 -5.60 -10.34
CA THR B 223 -12.46 -6.87 -10.03
C THR B 223 -12.36 -7.29 -8.56
N ILE B 224 -11.17 -7.27 -7.98
CA ILE B 224 -11.05 -7.72 -6.60
C ILE B 224 -11.92 -6.95 -5.59
N PRO B 225 -11.97 -5.61 -5.69
CA PRO B 225 -12.86 -4.91 -4.76
C PRO B 225 -14.29 -5.44 -4.82
N GLU B 226 -14.83 -5.58 -6.02
CA GLU B 226 -16.18 -6.13 -6.19
C GLU B 226 -16.31 -7.53 -5.60
N VAL B 227 -15.34 -8.40 -5.89
CA VAL B 227 -15.34 -9.79 -5.36
C VAL B 227 -15.36 -9.80 -3.83
N VAL B 228 -14.52 -8.99 -3.22
CA VAL B 228 -14.52 -8.85 -1.75
C VAL B 228 -15.90 -8.45 -1.20
N ILE B 229 -16.56 -7.46 -1.81
CA ILE B 229 -17.88 -7.02 -1.35
C ILE B 229 -18.93 -8.13 -1.55
N ALA B 230 -18.85 -8.81 -2.70
CA ALA B 230 -19.75 -9.93 -2.99
C ALA B 230 -19.61 -11.04 -1.95
N ARG B 231 -18.37 -11.45 -1.67
CA ARG B 231 -18.15 -12.52 -0.71
C ARG B 231 -18.57 -12.09 0.70
N HIS B 232 -18.32 -10.83 1.05
CA HIS B 232 -18.72 -10.28 2.34
C HIS B 232 -20.23 -10.43 2.60
N CYS B 233 -21.04 -10.24 1.55
CA CYS B 233 -22.48 -10.38 1.70
C CYS B 233 -23.03 -11.71 1.16
N GLY B 234 -22.14 -12.67 0.91
CA GLY B 234 -22.55 -14.04 0.63
C GLY B 234 -23.06 -14.33 -0.78
N ILE B 235 -22.61 -13.55 -1.75
CA ILE B 235 -22.89 -13.81 -3.15
C ILE B 235 -21.73 -14.66 -3.68
N GLN B 236 -22.06 -15.74 -4.36
CA GLN B 236 -21.03 -16.59 -4.96
C GLN B 236 -20.41 -15.87 -6.17
N VAL B 237 -19.12 -16.11 -6.40
CA VAL B 237 -18.41 -15.40 -7.45
C VAL B 237 -17.80 -16.35 -8.50
N PHE B 238 -17.97 -15.99 -9.77
CA PHE B 238 -17.23 -16.57 -10.87
C PHE B 238 -16.59 -15.41 -11.65
N ALA B 239 -15.30 -15.50 -11.96
CA ALA B 239 -14.65 -14.43 -12.70
C ALA B 239 -13.57 -14.97 -13.62
N VAL B 240 -13.44 -14.30 -14.75
CA VAL B 240 -12.52 -14.73 -15.80
C VAL B 240 -11.77 -13.55 -16.37
N SER B 241 -10.46 -13.72 -16.55
CA SER B 241 -9.66 -12.77 -17.33
C SER B 241 -9.48 -13.23 -18.78
N LEU B 242 -9.70 -12.32 -19.70
CA LEU B 242 -9.25 -12.46 -21.07
C LEU B 242 -7.83 -11.91 -21.12
N VAL B 243 -6.87 -12.71 -21.55
CA VAL B 243 -5.50 -12.21 -21.64
C VAL B 243 -5.37 -11.33 -22.88
N THR B 244 -5.20 -10.03 -22.67
CA THR B 244 -5.20 -9.09 -23.81
C THR B 244 -3.82 -8.56 -24.15
N ASN B 245 -2.81 -9.01 -23.42
CA ASN B 245 -1.44 -8.79 -23.80
C ASN B 245 -0.56 -9.62 -22.92
N ILE B 246 0.64 -9.88 -23.41
CA ILE B 246 1.62 -10.68 -22.70
C ILE B 246 2.64 -9.74 -22.06
N SER B 247 2.71 -9.78 -20.74
CA SER B 247 3.62 -8.91 -19.99
C SER B 247 5.06 -9.08 -20.45
N VAL B 248 5.77 -7.97 -20.59
CA VAL B 248 7.21 -8.02 -20.86
C VAL B 248 7.96 -8.04 -19.53
N LEU B 249 8.90 -8.97 -19.40
CA LEU B 249 9.56 -9.22 -18.11
C LEU B 249 10.89 -8.52 -17.95
N ASP B 250 11.54 -8.18 -19.06
CA ASP B 250 12.82 -7.50 -18.98
C ASP B 250 12.86 -6.20 -19.80
N VAL B 251 13.53 -5.18 -19.27
CA VAL B 251 13.59 -3.88 -19.94
C VAL B 251 14.38 -3.95 -21.26
N GLU B 252 15.15 -5.03 -21.42
CA GLU B 252 16.13 -5.13 -22.49
C GLU B 252 15.72 -5.82 -23.78
N GLN B 268 -14.45 -10.58 -30.11
CA GLN B 268 -14.85 -11.72 -30.93
C GLN B 268 -14.26 -12.94 -30.21
N ARG B 269 -13.14 -12.70 -29.53
CA ARG B 269 -12.82 -13.48 -28.34
C ARG B 269 -13.86 -13.02 -27.33
N ALA B 270 -14.15 -11.73 -27.42
CA ALA B 270 -15.25 -11.11 -26.70
C ALA B 270 -16.54 -11.89 -26.91
N GLU B 271 -16.77 -12.31 -28.15
CA GLU B 271 -17.99 -13.01 -28.51
C GLU B 271 -17.98 -14.46 -28.02
N LEU B 272 -16.81 -15.08 -28.00
CA LEU B 272 -16.71 -16.43 -27.49
C LEU B 272 -16.98 -16.37 -25.99
N MET B 273 -16.46 -15.33 -25.34
CA MET B 273 -16.66 -15.13 -23.91
C MET B 273 -18.13 -14.90 -23.53
N GLN B 274 -18.83 -14.09 -24.32
CA GLN B 274 -20.24 -13.85 -24.00
C GLN B 274 -21.01 -15.14 -24.21
N SER B 275 -20.59 -15.95 -25.17
CA SER B 275 -21.26 -17.20 -25.49
C SER B 275 -21.01 -18.23 -24.40
N TRP B 276 -19.77 -18.26 -23.92
CA TRP B 276 -19.41 -19.09 -22.78
C TRP B 276 -20.24 -18.73 -21.54
N PHE B 277 -20.33 -17.44 -21.25
CA PHE B 277 -21.12 -16.99 -20.08
C PHE B 277 -22.58 -17.42 -20.22
N GLU B 278 -23.13 -17.28 -21.42
CA GLU B 278 -24.51 -17.69 -21.65
C GLU B 278 -24.71 -19.19 -21.41
N LYS B 279 -23.74 -19.99 -21.84
CA LYS B 279 -23.87 -21.44 -21.73
C LYS B 279 -23.65 -21.92 -20.28
N ILE B 280 -22.83 -21.20 -19.55
CA ILE B 280 -22.69 -21.47 -18.12
C ILE B 280 -24.02 -21.21 -17.39
N ILE B 281 -24.59 -20.03 -17.63
CA ILE B 281 -25.85 -19.65 -16.98
C ILE B 281 -26.95 -20.70 -17.24
N GLU B 282 -27.00 -21.20 -18.46
CA GLU B 282 -27.91 -22.29 -18.80
C GLU B 282 -27.77 -23.50 -17.86
N LYS B 283 -26.56 -23.77 -17.35
CA LYS B 283 -26.38 -24.95 -16.52
C LYS B 283 -26.24 -24.68 -15.04
N LEU B 284 -26.29 -23.41 -14.66
CA LEU B 284 -26.26 -23.05 -13.25
C LEU B 284 -27.43 -23.69 -12.53
N PRO B 285 -27.24 -24.08 -11.27
CA PRO B 285 -28.35 -24.62 -10.50
C PRO B 285 -29.36 -23.50 -10.22
N LYS B 286 -30.60 -23.87 -10.01
CA LYS B 286 -31.65 -22.89 -9.74
C LYS B 286 -32.46 -23.34 -8.54
N ASP B 287 -32.52 -22.49 -7.53
CA ASP B 287 -33.17 -22.81 -6.28
C ASP B 287 -34.66 -23.10 -6.46
N GLU C 3 -5.36 18.28 -1.44
CA GLU C 3 -4.74 18.06 -2.74
C GLU C 3 -4.13 19.35 -3.30
N SER C 4 -4.39 20.47 -2.63
CA SER C 4 -4.03 21.80 -3.14
C SER C 4 -4.66 22.05 -4.51
N VAL C 5 -3.95 22.74 -5.39
CA VAL C 5 -4.52 23.10 -6.69
C VAL C 5 -4.33 21.96 -7.70
N THR C 6 -5.40 21.65 -8.43
CA THR C 6 -5.37 20.54 -9.38
C THR C 6 -4.32 20.75 -10.48
N ALA C 7 -3.55 19.71 -10.78
CA ALA C 7 -2.57 19.77 -11.84
C ALA C 7 -3.24 19.60 -13.21
N ASN C 8 -4.26 20.43 -13.47
CA ASN C 8 -4.94 20.46 -14.75
C ASN C 8 -4.32 21.49 -15.71
N ILE C 9 -4.73 21.49 -16.97
CA ILE C 9 -4.09 22.34 -17.96
C ILE C 9 -4.20 23.84 -17.59
N GLU C 10 -5.35 24.24 -17.07
CA GLU C 10 -5.59 25.64 -16.75
C GLU C 10 -4.63 26.15 -15.66
N ASN C 11 -4.50 25.39 -14.57
CA ASN C 11 -3.63 25.80 -13.46
C ASN C 11 -2.16 25.71 -13.84
N VAL C 12 -1.81 24.67 -14.59
CA VAL C 12 -0.44 24.47 -15.00
C VAL C 12 -0.02 25.58 -15.97
N LYS C 13 -0.93 26.00 -16.84
CA LYS C 13 -0.65 27.12 -17.74
C LYS C 13 -0.43 28.44 -17.00
N LYS C 14 -1.30 28.75 -16.04
CA LYS C 14 -1.20 29.96 -15.24
C LYS C 14 0.16 30.07 -14.55
N VAL C 15 0.63 28.94 -14.01
CA VAL C 15 1.93 28.90 -13.36
C VAL C 15 3.07 29.08 -14.37
N ALA C 16 3.02 28.37 -15.50
CA ALA C 16 4.05 28.51 -16.53
C ALA C 16 4.15 29.97 -16.97
N HIS C 17 3.00 30.58 -17.24
CA HIS C 17 2.97 31.95 -17.72
C HIS C 17 3.53 32.92 -16.69
N HIS C 18 3.21 32.72 -15.42
CA HIS C 18 3.79 33.56 -14.40
C HIS C 18 5.31 33.44 -14.43
N ILE C 19 5.79 32.21 -14.57
CA ILE C 19 7.24 31.97 -14.62
C ILE C 19 7.88 32.63 -15.85
N GLN C 20 7.20 32.55 -16.99
CA GLN C 20 7.73 33.11 -18.24
C GLN C 20 7.85 34.65 -18.22
N LYS C 21 7.17 35.28 -17.28
CA LYS C 21 7.28 36.72 -17.05
C LYS C 21 8.50 37.06 -16.20
N LEU C 22 9.06 36.05 -15.55
CA LEU C 22 10.18 36.23 -14.62
C LEU C 22 11.50 35.87 -15.26
N THR C 23 11.44 35.14 -16.37
CA THR C 23 12.67 34.73 -17.05
C THR C 23 12.44 34.52 -18.53
N SER C 24 13.51 34.66 -19.30
CA SER C 24 13.47 34.49 -20.74
C SER C 24 14.21 33.22 -21.18
N ILE C 25 14.69 32.46 -20.20
CA ILE C 25 15.31 31.16 -20.48
C ILE C 25 14.23 30.11 -20.74
N VAL C 26 14.22 29.53 -21.94
CA VAL C 26 13.33 28.45 -22.31
C VAL C 26 14.08 27.14 -22.08
N PRO C 27 13.75 26.41 -21.00
CA PRO C 27 14.53 25.21 -20.66
C PRO C 27 14.27 24.04 -21.60
N GLU C 28 15.35 23.40 -22.03
CA GLU C 28 15.29 22.15 -22.77
C GLU C 28 15.41 20.99 -21.77
N ILE C 29 16.17 21.21 -20.71
CA ILE C 29 16.44 20.15 -19.73
C ILE C 29 16.00 20.55 -18.33
N GLY C 30 15.27 19.68 -17.66
CA GLY C 30 14.88 19.91 -16.28
C GLY C 30 15.68 19.00 -15.36
N ILE C 31 16.08 19.50 -14.20
CA ILE C 31 16.91 18.73 -13.29
C ILE C 31 16.31 18.82 -11.90
N ILE C 32 15.96 17.69 -11.32
CA ILE C 32 15.43 17.70 -9.97
C ILE C 32 16.59 17.37 -9.05
N CYS C 33 16.98 18.32 -8.22
CA CYS C 33 18.14 18.12 -7.37
C CYS C 33 17.86 17.15 -6.25
N GLY C 34 18.55 16.03 -6.25
CA GLY C 34 18.44 15.10 -5.15
C GLY C 34 19.80 14.96 -4.50
N SER C 35 20.00 13.84 -3.83
CA SER C 35 21.29 13.46 -3.28
C SER C 35 22.45 13.70 -4.24
N GLY C 36 23.43 14.46 -3.77
CA GLY C 36 24.65 14.68 -4.54
C GLY C 36 24.61 15.78 -5.59
N LEU C 37 23.46 16.44 -5.75
CA LEU C 37 23.32 17.45 -6.80
C LEU C 37 23.29 18.88 -6.27
N GLY C 38 23.54 19.05 -4.98
CA GLY C 38 23.53 20.36 -4.38
C GLY C 38 24.46 21.35 -5.06
N LYS C 39 25.62 20.88 -5.48
CA LYS C 39 26.59 21.76 -6.17
C LYS C 39 26.24 22.05 -7.62
N LEU C 40 25.65 21.07 -8.31
CA LEU C 40 25.17 21.29 -9.67
C LEU C 40 24.22 22.47 -9.66
N ALA C 41 23.22 22.41 -8.80
CA ALA C 41 22.29 23.52 -8.62
C ALA C 41 23.03 24.84 -8.48
N ASP C 42 24.04 24.86 -7.62
CA ASP C 42 24.81 26.08 -7.37
C ASP C 42 25.60 26.59 -8.58
N GLY C 43 25.97 25.70 -9.49
CA GLY C 43 26.87 26.08 -10.58
C GLY C 43 26.26 26.47 -11.93
N VAL C 44 24.94 26.62 -11.98
CA VAL C 44 24.27 27.01 -13.21
C VAL C 44 24.71 28.41 -13.66
N LYS C 45 25.10 28.54 -14.92
CA LYS C 45 25.59 29.80 -15.45
C LYS C 45 24.44 30.75 -15.86
N ASP C 46 24.67 32.05 -15.66
CA ASP C 46 23.75 33.11 -16.08
C ASP C 46 22.36 32.89 -15.51
N LYS C 47 22.33 32.54 -14.23
CA LYS C 47 21.12 32.01 -13.64
C LYS C 47 20.14 33.10 -13.25
N ILE C 48 18.88 32.69 -13.10
CA ILE C 48 17.85 33.50 -12.50
C ILE C 48 17.19 32.57 -11.49
N THR C 49 17.12 33.02 -10.23
CA THR C 49 16.62 32.17 -9.17
C THR C 49 15.23 32.66 -8.76
N ILE C 50 14.24 31.77 -8.87
CA ILE C 50 12.88 32.10 -8.47
C ILE C 50 12.44 31.24 -7.28
N PRO C 51 12.26 31.88 -6.10
CA PRO C 51 11.76 31.12 -4.95
C PRO C 51 10.33 30.65 -5.19
N TYR C 52 10.01 29.44 -4.71
CA TYR C 52 8.66 28.91 -4.83
C TYR C 52 7.62 29.88 -4.25
N THR C 53 8.02 30.60 -3.21
CA THR C 53 7.11 31.51 -2.53
C THR C 53 6.66 32.65 -3.44
N LYS C 54 7.42 32.89 -4.51
CA LYS C 54 7.11 33.99 -5.41
C LYS C 54 6.31 33.54 -6.64
N ILE C 55 5.97 32.25 -6.69
CA ILE C 55 5.18 31.74 -7.81
C ILE C 55 3.76 31.36 -7.38
N PRO C 56 2.78 32.18 -7.77
CA PRO C 56 1.41 31.93 -7.31
C PRO C 56 0.95 30.53 -7.75
N ASN C 57 0.36 29.77 -6.83
CA ASN C 57 -0.13 28.41 -7.09
C ASN C 57 0.93 27.32 -7.33
N PHE C 58 2.20 27.69 -7.22
CA PHE C 58 3.25 26.68 -7.22
C PHE C 58 3.21 26.01 -5.84
N PRO C 59 3.51 24.71 -5.76
CA PRO C 59 3.48 24.07 -4.44
C PRO C 59 4.60 24.63 -3.55
N GLN C 60 4.37 24.60 -2.24
CA GLN C 60 5.31 25.18 -1.29
C GLN C 60 6.07 24.10 -0.52
N THR C 61 7.39 24.25 -0.48
CA THR C 61 8.20 23.37 0.35
C THR C 61 9.40 24.13 0.88
N SER C 62 9.95 23.66 1.99
CA SER C 62 11.08 24.30 2.63
C SER C 62 12.08 23.28 3.14
N VAL C 63 13.31 23.73 3.32
CA VAL C 63 14.31 23.01 4.08
C VAL C 63 14.53 23.83 5.33
N VAL C 64 14.05 23.31 6.47
CA VAL C 64 14.06 24.04 7.72
C VAL C 64 13.74 25.53 7.52
N GLY C 65 12.61 25.79 6.89
CA GLY C 65 12.08 27.14 6.78
C GLY C 65 12.54 27.91 5.55
N HIS C 66 13.57 27.42 4.89
CA HIS C 66 14.09 28.04 3.67
C HIS C 66 13.38 27.47 2.44
N SER C 67 12.63 28.32 1.74
CA SER C 67 11.88 27.91 0.54
C SER C 67 12.73 27.23 -0.55
N GLY C 68 12.14 26.25 -1.24
CA GLY C 68 12.75 25.72 -2.44
C GLY C 68 12.79 26.80 -3.53
N ASN C 69 13.62 26.56 -4.55
CA ASN C 69 13.81 27.47 -5.69
C ASN C 69 13.71 26.76 -7.03
N LEU C 70 13.25 27.48 -8.05
CA LEU C 70 13.50 27.11 -9.44
C LEU C 70 14.70 27.92 -9.94
N ILE C 71 15.68 27.24 -10.52
CA ILE C 71 16.84 27.92 -11.08
C ILE C 71 16.93 27.77 -12.59
N PHE C 72 16.84 28.89 -13.30
CA PHE C 72 17.03 28.91 -14.74
C PHE C 72 18.42 29.42 -15.14
N GLY C 73 18.91 28.95 -16.27
CA GLY C 73 20.20 29.37 -16.76
C GLY C 73 20.71 28.33 -17.73
N THR C 74 22.03 28.23 -17.84
CA THR C 74 22.63 27.19 -18.68
C THR C 74 23.61 26.30 -17.91
N LEU C 75 23.88 25.15 -18.49
CA LEU C 75 24.79 24.18 -17.92
C LEU C 75 25.38 23.53 -19.16
N SER C 76 26.71 23.53 -19.25
CA SER C 76 27.39 23.05 -20.44
C SER C 76 26.77 23.66 -21.69
N GLY C 77 26.37 24.92 -21.61
CA GLY C 77 25.81 25.62 -22.75
C GLY C 77 24.40 25.22 -23.16
N ARG C 78 23.72 24.43 -22.33
CA ARG C 78 22.35 24.04 -22.63
C ARG C 78 21.41 24.69 -21.63
N LYS C 79 20.21 25.00 -22.09
CA LYS C 79 19.25 25.72 -21.27
C LYS C 79 18.55 24.78 -20.29
N VAL C 80 18.58 25.11 -19.01
CA VAL C 80 18.06 24.24 -17.97
C VAL C 80 17.13 24.97 -17.02
N VAL C 81 16.26 24.19 -16.38
CA VAL C 81 15.59 24.60 -15.17
C VAL C 81 15.93 23.57 -14.11
N VAL C 82 16.40 24.06 -12.96
CA VAL C 82 16.74 23.19 -11.85
C VAL C 82 15.72 23.32 -10.75
N MET C 83 15.17 22.20 -10.31
CA MET C 83 14.31 22.21 -9.12
C MET C 83 15.14 21.96 -7.89
N GLN C 84 15.27 22.99 -7.06
CA GLN C 84 15.98 22.89 -5.79
C GLN C 84 14.96 22.90 -4.67
N GLY C 85 14.57 21.72 -4.23
CA GLY C 85 13.45 21.58 -3.32
C GLY C 85 12.43 20.66 -3.97
N ARG C 86 12.23 19.50 -3.35
CA ARG C 86 11.36 18.49 -3.92
C ARG C 86 10.15 18.26 -3.01
N PHE C 87 9.16 17.56 -3.54
CA PHE C 87 7.94 17.26 -2.77
C PHE C 87 7.83 15.75 -2.56
N HIS C 88 8.28 15.27 -1.42
CA HIS C 88 8.26 13.83 -1.13
C HIS C 88 6.93 13.44 -0.52
N MET C 89 6.40 12.30 -0.91
CA MET C 89 5.07 11.92 -0.46
C MET C 89 5.03 11.62 1.03
N TYR C 90 6.14 11.22 1.62
CA TYR C 90 6.10 10.92 3.06
C TYR C 90 5.85 12.21 3.86
N GLU C 91 5.97 13.35 3.20
CA GLU C 91 5.69 14.63 3.83
C GLU C 91 4.19 14.89 3.87
N GLY C 92 3.44 14.10 3.12
CA GLY C 92 2.00 14.23 3.06
C GLY C 92 1.45 15.04 1.89
N TYR C 93 2.32 15.42 0.95
CA TYR C 93 1.91 16.17 -0.23
C TYR C 93 0.96 15.35 -1.08
N SER C 94 0.05 16.02 -1.77
CA SER C 94 -0.90 15.32 -2.63
C SER C 94 -0.29 14.96 -3.99
N ASN C 95 -1.01 14.12 -4.71
CA ASN C 95 -0.66 13.77 -6.07
C ASN C 95 -0.54 15.00 -6.98
N ASP C 96 -1.50 15.90 -6.88
CA ASP C 96 -1.50 17.12 -7.67
C ASP C 96 -0.32 18.02 -7.35
N THR C 97 0.03 18.12 -6.06
CA THR C 97 1.17 18.94 -5.65
C THR C 97 2.45 18.43 -6.28
N VAL C 98 2.69 17.13 -6.14
CA VAL C 98 3.90 16.54 -6.72
C VAL C 98 3.94 16.66 -8.24
N ALA C 99 2.80 16.46 -8.89
CA ALA C 99 2.77 16.42 -10.36
C ALA C 99 2.85 17.82 -10.99
N LEU C 100 2.35 18.84 -10.31
CA LEU C 100 2.23 20.15 -10.97
C LEU C 100 3.56 20.73 -11.50
N PRO C 101 4.63 20.61 -10.70
CA PRO C 101 5.90 21.14 -11.19
C PRO C 101 6.44 20.44 -12.43
N ILE C 102 6.20 19.13 -12.55
CA ILE C 102 6.69 18.38 -13.70
C ILE C 102 5.88 18.80 -14.94
N ARG C 103 4.59 19.01 -14.76
CA ARG C 103 3.72 19.42 -15.87
C ARG C 103 4.01 20.86 -16.30
N VAL C 104 4.39 21.70 -15.35
CA VAL C 104 4.86 23.04 -15.68
C VAL C 104 6.13 22.96 -16.55
N MET C 105 7.09 22.11 -16.15
CA MET C 105 8.27 21.91 -16.99
C MET C 105 7.90 21.54 -18.42
N LYS C 106 6.89 20.69 -18.57
CA LYS C 106 6.47 20.27 -19.89
C LYS C 106 6.08 21.49 -20.72
N LEU C 107 5.23 22.34 -20.15
CA LEU C 107 4.79 23.55 -20.88
C LEU C 107 5.91 24.56 -21.12
N LEU C 108 6.89 24.64 -20.23
CA LEU C 108 8.02 25.56 -20.38
C LEU C 108 8.93 25.16 -21.52
N GLY C 109 8.87 23.89 -21.91
CA GLY C 109 9.64 23.37 -23.02
C GLY C 109 10.60 22.23 -22.70
N VAL C 110 10.58 21.71 -21.47
CA VAL C 110 11.51 20.65 -21.10
C VAL C 110 11.28 19.36 -21.92
N LYS C 111 12.36 18.82 -22.48
CA LYS C 111 12.32 17.58 -23.26
C LYS C 111 12.93 16.41 -22.49
N ILE C 112 13.84 16.71 -21.58
CA ILE C 112 14.57 15.68 -20.83
C ILE C 112 14.61 16.03 -19.36
N LEU C 113 14.30 15.06 -18.51
CA LEU C 113 14.38 15.26 -17.07
C LEU C 113 15.48 14.42 -16.44
N MET C 114 16.39 15.07 -15.71
CA MET C 114 17.44 14.36 -14.98
C MET C 114 17.16 14.50 -13.51
N VAL C 115 17.31 13.40 -12.76
CA VAL C 115 17.01 13.42 -11.34
C VAL C 115 17.98 12.52 -10.60
N SER C 116 18.36 12.91 -9.38
CA SER C 116 19.12 12.03 -8.49
C SER C 116 18.34 11.77 -7.22
N ASN C 117 18.71 10.72 -6.51
CA ASN C 117 18.18 10.52 -5.19
C ASN C 117 19.17 9.78 -4.31
N ALA C 118 18.88 9.68 -3.02
CA ALA C 118 19.65 8.83 -2.12
C ALA C 118 18.94 7.50 -2.01
N ALA C 119 19.69 6.41 -1.99
CA ALA C 119 19.07 5.09 -1.86
C ALA C 119 19.92 4.14 -1.01
N GLY C 120 19.27 3.18 -0.38
CA GLY C 120 19.99 2.11 0.29
C GLY C 120 20.35 1.02 -0.71
N GLY C 121 21.58 0.52 -0.61
CA GLY C 121 22.07 -0.52 -1.51
C GLY C 121 21.63 -1.90 -1.05
N LEU C 122 20.77 -2.53 -1.85
CA LEU C 122 20.26 -3.88 -1.55
C LEU C 122 21.16 -4.91 -2.19
N ASN C 123 21.39 -4.74 -3.48
CA ASN C 123 22.29 -5.59 -4.24
C ASN C 123 23.62 -5.69 -3.49
N ARG C 124 24.09 -6.91 -3.25
CA ARG C 124 25.25 -7.10 -2.38
C ARG C 124 26.60 -6.72 -3.02
N SER C 125 26.59 -6.48 -4.33
CA SER C 125 27.81 -6.04 -5.00
C SER C 125 28.03 -4.52 -4.89
N LEU C 126 27.03 -3.78 -4.43
CA LEU C 126 27.15 -2.31 -4.33
C LEU C 126 28.06 -1.82 -3.20
N LYS C 127 28.70 -0.69 -3.44
CA LYS C 127 29.54 -0.07 -2.42
C LYS C 127 29.02 1.31 -2.11
N LEU C 128 29.28 1.76 -0.89
CA LEU C 128 28.96 3.11 -0.46
C LEU C 128 29.48 4.11 -1.51
N GLY C 129 28.63 5.03 -1.93
CA GLY C 129 29.02 6.06 -2.90
C GLY C 129 28.94 5.65 -4.36
N ASP C 130 28.48 4.42 -4.61
CA ASP C 130 28.28 3.97 -5.98
C ASP C 130 27.13 4.75 -6.64
N PHE C 131 27.16 4.83 -7.96
CA PHE C 131 26.06 5.45 -8.71
C PHE C 131 25.27 4.32 -9.36
N VAL C 132 23.97 4.29 -9.11
CA VAL C 132 23.16 3.28 -9.78
C VAL C 132 22.16 3.96 -10.68
N ILE C 133 22.43 3.91 -11.97
CA ILE C 133 21.49 4.42 -12.95
C ILE C 133 20.22 3.58 -12.85
N LEU C 134 19.07 4.24 -12.82
CA LEU C 134 17.81 3.52 -12.86
C LEU C 134 17.53 3.01 -14.28
N LYS C 135 17.41 1.70 -14.44
CA LYS C 135 16.92 1.17 -15.72
C LYS C 135 15.46 0.66 -15.60
N ASP C 136 14.98 0.52 -14.37
CA ASP C 136 13.58 0.14 -14.15
C ASP C 136 13.20 0.43 -12.70
N HIS C 137 11.92 0.34 -12.39
CA HIS C 137 11.51 0.55 -11.00
C HIS C 137 10.36 -0.36 -10.57
N ILE C 138 10.16 -0.44 -9.26
CA ILE C 138 8.99 -1.08 -8.69
C ILE C 138 8.32 -0.06 -7.79
N TYR C 139 7.10 0.31 -8.16
CA TYR C 139 6.37 1.40 -7.53
C TYR C 139 5.42 0.78 -6.51
N LEU C 140 5.93 0.46 -5.32
CA LEU C 140 5.08 -0.22 -4.36
C LEU C 140 3.81 0.57 -4.00
N PRO C 141 3.93 1.86 -3.66
CA PRO C 141 2.72 2.67 -3.47
C PRO C 141 1.78 2.60 -4.69
N GLY C 142 2.34 2.66 -5.90
CA GLY C 142 1.54 2.64 -7.10
C GLY C 142 0.75 1.36 -7.35
N LEU C 143 1.36 0.21 -7.05
CA LEU C 143 0.67 -1.07 -7.15
C LEU C 143 -0.42 -1.19 -6.10
N GLY C 144 -0.20 -0.55 -4.95
CA GLY C 144 -1.27 -0.33 -4.01
C GLY C 144 -2.23 0.64 -4.69
N LEU C 145 -2.95 1.42 -3.93
CA LEU C 145 -3.78 2.41 -4.59
C LEU C 145 -3.20 3.81 -4.43
N ASN C 146 -1.90 3.89 -4.17
CA ASN C 146 -1.26 5.19 -4.01
C ASN C 146 -0.39 5.61 -5.20
N ASN C 147 -0.91 5.37 -6.40
CA ASN C 147 -0.30 5.86 -7.64
C ASN C 147 -0.58 7.35 -7.81
N ILE C 148 0.46 8.09 -8.19
CA ILE C 148 0.32 9.53 -8.40
C ILE C 148 -0.76 9.87 -9.45
N LEU C 149 -1.07 8.95 -10.36
CA LEU C 149 -2.08 9.23 -11.38
C LEU C 149 -3.49 8.80 -11.00
N VAL C 150 -3.67 8.25 -9.80
CA VAL C 150 -5.02 7.89 -9.35
C VAL C 150 -5.89 9.13 -9.28
N GLY C 151 -7.12 9.03 -9.78
CA GLY C 151 -8.01 10.17 -9.91
C GLY C 151 -8.35 10.43 -11.38
N PRO C 152 -9.25 11.39 -11.66
CA PRO C 152 -9.54 11.72 -13.05
C PRO C 152 -8.25 11.99 -13.84
N ASN C 153 -8.15 11.43 -15.03
CA ASN C 153 -6.96 11.66 -15.85
C ASN C 153 -6.95 13.06 -16.48
N GLN C 154 -5.81 13.76 -16.43
CA GLN C 154 -5.69 15.02 -17.14
C GLN C 154 -5.24 14.78 -18.58
N GLU C 155 -6.23 14.66 -19.46
CA GLU C 155 -6.03 14.34 -20.86
C GLU C 155 -5.05 15.27 -21.59
N ALA C 156 -5.01 16.53 -21.19
CA ALA C 156 -4.13 17.51 -21.80
C ALA C 156 -2.66 17.05 -21.72
N PHE C 157 -2.36 16.30 -20.65
CA PHE C 157 -0.99 15.88 -20.39
C PHE C 157 -0.62 14.47 -20.83
N GLY C 158 -1.57 13.55 -20.85
CA GLY C 158 -1.22 12.19 -21.17
C GLY C 158 -2.44 11.28 -21.12
N THR C 159 -2.22 10.00 -21.30
CA THR C 159 -3.30 9.07 -21.54
C THR C 159 -3.75 8.44 -20.23
N ARG C 160 -4.89 7.75 -20.25
CA ARG C 160 -5.45 7.21 -19.02
C ARG C 160 -4.54 6.12 -18.45
N PHE C 161 -4.06 5.25 -19.32
CA PHE C 161 -3.24 4.13 -18.89
C PHE C 161 -1.87 4.21 -19.55
N PRO C 162 -0.96 5.03 -18.99
CA PRO C 162 0.33 5.17 -19.66
C PRO C 162 1.15 3.90 -19.52
N ALA C 163 1.92 3.61 -20.56
CA ALA C 163 2.85 2.49 -20.53
C ALA C 163 4.18 2.99 -19.96
N LEU C 164 4.91 2.10 -19.30
CA LEU C 164 6.19 2.48 -18.71
C LEU C 164 7.34 1.65 -19.27
N SER C 165 7.17 1.19 -20.50
CA SER C 165 8.14 0.31 -21.16
C SER C 165 9.60 0.79 -21.12
N ASN C 166 9.86 1.90 -21.80
CA ASN C 166 11.21 2.47 -21.86
C ASN C 166 11.22 3.70 -20.95
N ALA C 167 10.76 3.55 -19.71
CA ALA C 167 10.62 4.71 -18.82
C ALA C 167 11.97 5.38 -18.58
N TYR C 168 13.01 4.58 -18.38
CA TYR C 168 14.37 5.10 -18.21
C TYR C 168 15.09 4.99 -19.56
N ASP C 169 14.98 6.06 -20.32
CA ASP C 169 15.44 6.11 -21.71
C ASP C 169 16.78 5.41 -21.91
N ARG C 170 16.75 4.35 -22.71
CA ARG C 170 17.93 3.51 -22.88
C ARG C 170 19.08 4.27 -23.56
N ASP C 171 18.77 5.28 -24.36
CA ASP C 171 19.82 6.07 -24.99
C ASP C 171 20.50 7.02 -23.99
N LEU C 172 19.72 7.64 -23.11
CA LEU C 172 20.33 8.48 -22.08
C LEU C 172 21.19 7.64 -21.14
N ARG C 173 20.74 6.41 -20.87
CA ARG C 173 21.52 5.51 -20.05
C ARG C 173 22.85 5.14 -20.70
N LYS C 174 22.83 4.84 -21.99
CA LYS C 174 24.06 4.52 -22.70
C LYS C 174 25.05 5.69 -22.67
N LEU C 175 24.53 6.88 -22.93
CA LEU C 175 25.33 8.11 -22.87
C LEU C 175 25.96 8.33 -21.48
N ALA C 176 25.14 8.20 -20.43
CA ALA C 176 25.64 8.39 -19.07
C ALA C 176 26.77 7.42 -18.76
N VAL C 177 26.62 6.17 -19.17
CA VAL C 177 27.65 5.17 -18.96
C VAL C 177 28.93 5.51 -19.72
N GLN C 178 28.79 5.89 -20.99
CA GLN C 178 29.92 6.29 -21.81
C GLN C 178 30.71 7.46 -21.20
N VAL C 179 29.98 8.48 -20.75
CA VAL C 179 30.58 9.66 -20.14
C VAL C 179 31.37 9.30 -18.88
N ALA C 180 30.82 8.40 -18.07
CA ALA C 180 31.52 7.92 -16.89
C ALA C 180 32.81 7.15 -17.28
N GLU C 181 32.69 6.22 -18.23
CA GLU C 181 33.86 5.47 -18.71
C GLU C 181 34.94 6.39 -19.24
N GLU C 182 34.55 7.31 -20.12
CA GLU C 182 35.49 8.26 -20.72
C GLU C 182 36.23 9.08 -19.68
N ASN C 183 35.55 9.37 -18.58
CA ASN C 183 36.12 10.26 -17.59
C ASN C 183 36.75 9.56 -16.40
N GLY C 184 36.87 8.25 -16.49
CA GLY C 184 37.66 7.50 -15.53
C GLY C 184 36.96 6.98 -14.30
N PHE C 185 35.64 7.15 -14.23
CA PHE C 185 34.91 6.62 -13.09
C PHE C 185 33.81 5.62 -13.46
N GLY C 186 34.02 4.95 -14.60
CA GLY C 186 33.14 3.89 -15.05
C GLY C 186 32.91 2.82 -13.99
N ASN C 187 33.92 2.58 -13.17
CA ASN C 187 33.86 1.56 -12.13
C ASN C 187 32.87 1.86 -11.00
N LEU C 188 32.49 3.13 -10.87
CA LEU C 188 31.53 3.57 -9.85
C LEU C 188 30.09 3.42 -10.32
N VAL C 189 29.91 3.14 -11.60
CA VAL C 189 28.61 3.24 -12.23
C VAL C 189 28.01 1.87 -12.53
N HIS C 190 26.79 1.66 -12.03
CA HIS C 190 25.99 0.46 -12.23
C HIS C 190 24.64 0.84 -12.82
N GLN C 191 23.87 -0.14 -13.29
CA GLN C 191 22.47 0.09 -13.64
C GLN C 191 21.60 -0.87 -12.83
N GLY C 192 20.42 -0.42 -12.45
CA GLY C 192 19.61 -1.27 -11.60
C GLY C 192 18.14 -0.93 -11.44
N VAL C 193 17.45 -1.82 -10.73
CA VAL C 193 16.06 -1.63 -10.40
C VAL C 193 15.92 -0.91 -9.07
N TYR C 194 15.21 0.21 -9.09
CA TYR C 194 14.92 1.01 -7.91
C TYR C 194 13.51 0.67 -7.38
N VAL C 195 13.41 0.44 -6.08
CA VAL C 195 12.09 0.22 -5.49
C VAL C 195 11.76 1.34 -4.53
N MET C 196 10.52 1.82 -4.61
CA MET C 196 10.07 2.87 -3.70
C MET C 196 9.38 2.35 -2.46
N ASN C 197 9.91 2.75 -1.31
CA ASN C 197 9.26 2.61 -0.01
C ASN C 197 8.65 3.96 0.32
N GLY C 198 7.32 4.01 0.44
CA GLY C 198 6.62 5.25 0.77
C GLY C 198 7.24 6.03 1.92
N GLY C 199 7.75 5.31 2.92
CA GLY C 199 8.60 5.94 3.93
C GLY C 199 7.72 6.59 4.98
N PRO C 200 8.29 7.38 5.90
CA PRO C 200 9.68 7.84 6.01
C PRO C 200 10.63 6.97 6.86
N CYS C 201 10.16 5.83 7.36
CA CYS C 201 10.99 4.89 8.11
C CYS C 201 11.99 4.27 7.16
N TYR C 202 13.23 4.11 7.62
CA TYR C 202 14.15 3.25 6.90
C TYR C 202 13.55 1.85 6.91
N GLU C 203 14.04 1.00 6.02
CA GLU C 203 13.51 -0.33 5.82
C GLU C 203 14.07 -1.27 6.89
N THR C 204 13.25 -2.18 7.38
CA THR C 204 13.73 -3.18 8.34
C THR C 204 14.57 -4.21 7.60
N PRO C 205 15.38 -5.00 8.32
CA PRO C 205 16.15 -6.04 7.61
C PRO C 205 15.24 -7.03 6.88
N ALA C 206 14.14 -7.43 7.51
CA ALA C 206 13.20 -8.33 6.83
C ALA C 206 12.65 -7.70 5.57
N GLU C 207 12.32 -6.40 5.64
CA GLU C 207 11.86 -5.69 4.45
C GLU C 207 12.95 -5.66 3.36
N CYS C 208 14.18 -5.36 3.76
CA CYS C 208 15.30 -5.32 2.80
C CYS C 208 15.53 -6.67 2.15
N THR C 209 15.44 -7.73 2.95
CA THR C 209 15.62 -9.06 2.41
C THR C 209 14.53 -9.37 1.38
N MET C 210 13.29 -9.04 1.74
CA MET C 210 12.18 -9.26 0.81
C MET C 210 12.40 -8.51 -0.51
N LEU C 211 12.81 -7.26 -0.41
CA LEU C 211 12.95 -6.40 -1.58
C LEU C 211 14.07 -6.86 -2.48
N LEU C 212 15.19 -7.27 -1.88
CA LEU C 212 16.29 -7.87 -2.62
C LEU C 212 15.84 -9.13 -3.37
N ASN C 213 15.08 -9.99 -2.71
CA ASN C 213 14.62 -11.24 -3.32
C ASN C 213 13.61 -11.02 -4.44
N MET C 214 12.95 -9.86 -4.41
CA MET C 214 12.05 -9.45 -5.49
C MET C 214 12.80 -8.92 -6.71
N GLY C 215 14.12 -8.85 -6.64
CA GLY C 215 14.90 -8.34 -7.75
C GLY C 215 15.24 -6.86 -7.72
N CYS C 216 15.16 -6.25 -6.54
CA CYS C 216 15.46 -4.82 -6.40
C CYS C 216 16.92 -4.60 -6.05
N ASP C 217 17.55 -3.61 -6.69
CA ASP C 217 18.94 -3.33 -6.43
C ASP C 217 19.15 -2.22 -5.39
N VAL C 218 18.29 -1.21 -5.41
CA VAL C 218 18.34 -0.10 -4.45
C VAL C 218 16.94 0.26 -4.00
N VAL C 219 16.83 0.83 -2.80
CA VAL C 219 15.53 1.27 -2.27
C VAL C 219 15.59 2.73 -1.81
N GLY C 220 14.55 3.48 -2.13
CA GLY C 220 14.48 4.88 -1.76
C GLY C 220 13.05 5.30 -1.56
N MET C 221 12.86 6.56 -1.17
CA MET C 221 11.52 7.02 -0.84
C MET C 221 10.97 8.03 -1.83
N SER C 222 11.67 8.21 -2.95
CA SER C 222 11.36 9.34 -3.82
C SER C 222 11.31 8.96 -5.29
N THR C 223 11.18 9.99 -6.13
CA THR C 223 11.51 9.93 -7.55
C THR C 223 10.49 9.24 -8.45
N ILE C 224 10.07 8.01 -8.11
CA ILE C 224 9.14 7.32 -8.99
C ILE C 224 7.90 8.14 -9.37
N PRO C 225 7.30 8.85 -8.40
CA PRO C 225 6.09 9.59 -8.78
C PRO C 225 6.38 10.70 -9.78
N GLU C 226 7.50 11.41 -9.60
CA GLU C 226 7.90 12.40 -10.59
C GLU C 226 8.15 11.74 -11.94
N VAL C 227 8.84 10.61 -11.94
CA VAL C 227 9.11 9.87 -13.17
C VAL C 227 7.79 9.51 -13.91
N VAL C 228 6.80 9.06 -13.16
CA VAL C 228 5.53 8.63 -13.74
C VAL C 228 4.82 9.83 -14.43
N ILE C 229 4.79 10.97 -13.76
CA ILE C 229 4.18 12.18 -14.34
C ILE C 229 4.97 12.61 -15.59
N ALA C 230 6.30 12.51 -15.50
CA ALA C 230 7.16 12.84 -16.64
C ALA C 230 6.88 11.94 -17.86
N ARG C 231 6.85 10.63 -17.64
CA ARG C 231 6.60 9.70 -18.74
C ARG C 231 5.18 9.89 -19.28
N HIS C 232 4.23 10.14 -18.38
CA HIS C 232 2.84 10.41 -18.74
C HIS C 232 2.74 11.54 -19.77
N CYS C 233 3.51 12.62 -19.57
CA CYS C 233 3.48 13.72 -20.54
C CYS C 233 4.59 13.72 -21.61
N GLY C 234 5.30 12.60 -21.73
CA GLY C 234 6.23 12.41 -22.82
C GLY C 234 7.61 13.03 -22.62
N ILE C 235 7.98 13.32 -21.37
CA ILE C 235 9.32 13.83 -21.09
C ILE C 235 10.27 12.64 -20.95
N GLN C 236 11.43 12.71 -21.60
CA GLN C 236 12.38 11.62 -21.45
C GLN C 236 13.06 11.71 -20.09
N VAL C 237 13.35 10.57 -19.49
CA VAL C 237 13.83 10.54 -18.11
C VAL C 237 15.19 9.87 -17.97
N PHE C 238 16.08 10.53 -17.22
CA PHE C 238 17.33 9.93 -16.75
C PHE C 238 17.43 10.06 -15.23
N ALA C 239 17.56 8.93 -14.54
CA ALA C 239 17.54 8.96 -13.09
C ALA C 239 18.70 8.15 -12.48
N VAL C 240 19.28 8.67 -11.41
CA VAL C 240 20.42 8.05 -10.76
C VAL C 240 20.24 7.98 -9.25
N SER C 241 20.52 6.82 -8.68
CA SER C 241 20.59 6.71 -7.24
C SER C 241 22.05 6.71 -6.80
N LEU C 242 22.34 7.54 -5.82
CA LEU C 242 23.62 7.48 -5.13
C LEU C 242 23.43 6.52 -3.95
N VAL C 243 24.32 5.53 -3.83
CA VAL C 243 24.22 4.56 -2.74
C VAL C 243 24.76 5.22 -1.46
N THR C 244 23.84 5.65 -0.61
CA THR C 244 24.17 6.47 0.56
C THR C 244 24.31 5.64 1.83
N ASN C 245 23.96 4.38 1.71
CA ASN C 245 24.13 3.42 2.80
C ASN C 245 23.86 2.05 2.25
N ILE C 246 24.47 1.03 2.86
CA ILE C 246 24.29 -0.35 2.47
C ILE C 246 23.19 -0.95 3.34
N SER C 247 22.14 -1.46 2.74
CA SER C 247 21.02 -2.01 3.50
C SER C 247 21.47 -3.16 4.39
N VAL C 248 20.91 -3.20 5.59
CA VAL C 248 21.22 -4.22 6.58
C VAL C 248 20.14 -5.29 6.44
N LEU C 249 20.57 -6.52 6.16
CA LEU C 249 19.64 -7.63 5.88
C LEU C 249 19.39 -8.52 7.10
N ASP C 250 20.20 -8.37 8.15
CA ASP C 250 20.09 -9.21 9.35
C ASP C 250 19.71 -8.41 10.58
N VAL C 251 18.66 -8.84 11.26
CA VAL C 251 18.21 -8.17 12.47
C VAL C 251 19.30 -8.15 13.54
N GLU C 252 20.09 -9.22 13.58
CA GLU C 252 21.12 -9.33 14.60
C GLU C 252 22.38 -8.60 14.19
N SER C 253 22.17 -7.45 13.55
CA SER C 253 23.26 -6.53 13.22
C SER C 253 23.08 -5.26 14.04
N ASP C 254 24.18 -4.67 14.46
CA ASP C 254 24.13 -3.39 15.17
C ASP C 254 24.29 -2.25 14.17
N LEU C 255 24.43 -2.61 12.89
CA LEU C 255 24.45 -1.60 11.83
C LEU C 255 23.06 -0.97 11.74
N LYS C 256 23.03 0.33 11.43
CA LYS C 256 21.82 1.11 11.59
C LYS C 256 21.82 2.25 10.59
N PRO C 257 20.73 2.38 9.83
CA PRO C 257 20.63 3.54 8.92
C PRO C 257 20.44 4.85 9.70
N ASN C 258 21.11 5.92 9.28
CA ASN C 258 20.86 7.24 9.84
C ASN C 258 21.00 8.32 8.79
N HIS C 259 20.12 9.31 8.86
CA HIS C 259 20.05 10.36 7.86
C HIS C 259 21.36 11.16 7.79
N GLU C 260 22.06 11.26 8.91
CA GLU C 260 23.32 12.00 8.97
C GLU C 260 24.35 11.44 7.99
N GLU C 261 24.56 10.13 8.04
CA GLU C 261 25.52 9.50 7.14
C GLU C 261 25.08 9.55 5.68
N VAL C 262 23.77 9.47 5.46
CA VAL C 262 23.21 9.61 4.11
C VAL C 262 23.51 10.99 3.56
N LEU C 263 23.31 12.01 4.39
CA LEU C 263 23.64 13.37 4.00
C LEU C 263 25.13 13.49 3.69
N ALA C 264 25.97 12.86 4.51
CA ALA C 264 27.42 12.93 4.36
C ALA C 264 27.94 12.34 3.05
N THR C 265 27.40 11.17 2.69
CA THR C 265 27.77 10.54 1.43
C THR C 265 27.34 11.45 0.28
N GLY C 266 26.15 12.04 0.40
CA GLY C 266 25.66 13.00 -0.57
C GLY C 266 26.61 14.19 -0.75
N ALA C 267 27.02 14.81 0.35
CA ALA C 267 27.92 15.96 0.26
C ALA C 267 29.28 15.54 -0.33
N GLN C 268 29.76 14.35 0.02
CA GLN C 268 31.07 13.92 -0.47
C GLN C 268 31.10 13.60 -1.97
N ARG C 269 30.01 13.07 -2.50
CA ARG C 269 29.95 12.69 -3.91
C ARG C 269 29.43 13.79 -4.82
N ALA C 270 28.98 14.90 -4.22
CA ALA C 270 28.35 16.01 -4.93
C ALA C 270 29.22 16.54 -6.06
N GLU C 271 30.51 16.70 -5.79
CA GLU C 271 31.43 17.24 -6.77
C GLU C 271 31.54 16.33 -8.00
N LEU C 272 31.65 15.03 -7.77
CA LEU C 272 31.79 14.09 -8.87
C LEU C 272 30.47 14.03 -9.64
N MET C 273 29.36 14.02 -8.89
CA MET C 273 28.03 13.92 -9.49
C MET C 273 27.76 15.13 -10.35
N GLN C 274 28.13 16.30 -9.86
CA GLN C 274 28.00 17.52 -10.64
C GLN C 274 28.76 17.40 -11.96
N SER C 275 30.02 17.00 -11.88
CA SER C 275 30.85 16.89 -13.08
C SER C 275 30.24 15.89 -14.09
N TRP C 276 29.81 14.74 -13.60
CA TRP C 276 29.13 13.75 -14.45
C TRP C 276 27.93 14.36 -15.16
N PHE C 277 27.06 15.02 -14.40
CA PHE C 277 25.84 15.58 -14.98
C PHE C 277 26.17 16.66 -16.02
N GLU C 278 27.10 17.55 -15.70
CA GLU C 278 27.48 18.59 -16.64
C GLU C 278 28.02 18.00 -17.94
N LYS C 279 28.82 16.95 -17.82
CA LYS C 279 29.40 16.30 -18.98
C LYS C 279 28.40 15.46 -19.80
N ILE C 280 27.41 14.89 -19.12
CA ILE C 280 26.31 14.24 -19.85
C ILE C 280 25.58 15.30 -20.66
N ILE C 281 25.22 16.39 -19.98
CA ILE C 281 24.43 17.45 -20.59
C ILE C 281 25.12 18.02 -21.83
N GLU C 282 26.44 18.15 -21.76
CA GLU C 282 27.23 18.65 -22.88
C GLU C 282 26.99 17.78 -24.10
N LYS C 283 26.76 16.50 -23.87
CA LYS C 283 26.64 15.54 -24.95
C LYS C 283 25.23 15.08 -25.25
N LEU C 284 24.22 15.71 -24.65
CA LEU C 284 22.85 15.28 -24.90
C LEU C 284 22.48 15.41 -26.38
N PRO C 285 21.74 14.41 -26.90
CA PRO C 285 21.37 14.25 -28.31
C PRO C 285 20.72 15.50 -28.89
N LYS C 286 20.81 15.63 -30.21
CA LYS C 286 20.42 16.83 -30.94
C LYS C 286 20.98 18.07 -30.23
N ASP C 287 20.57 19.24 -30.68
CA ASP C 287 21.18 20.49 -30.20
C ASP C 287 22.70 20.40 -30.21
S DMS D . 2.58 11.18 12.74
O DMS D . 2.88 12.66 13.66
C1 DMS D . 1.17 10.32 13.47
C2 DMS D . 1.79 11.70 11.18
S DMS E . 1.61 -2.89 -0.83
O DMS E . 0.46 -1.69 -0.15
C1 DMS E . 1.56 -2.75 -2.64
C2 DMS E . 3.30 -2.36 -0.47
BR JFD F . -5.20 -10.68 12.81
C5 JFD F . -5.09 -12.33 11.77
C4 JFD F . -4.65 -12.27 10.33
O8 JFD F . -4.34 -11.14 9.73
N3 JFD F . -4.60 -13.42 9.53
C2 JFD F . -4.91 -14.76 10.12
O9 JFD F . -4.80 -15.83 9.29
N1 JFD F . -5.33 -14.90 11.54
C6 JFD F . -5.41 -13.68 12.36
N7 JFD F . -5.86 -13.86 13.69
S DMS G . -17.35 -0.87 3.15
O DMS G . -18.89 -0.76 4.00
C1 DMS G . -17.60 -0.36 1.43
C2 DMS G . -16.29 0.50 3.72
BR JFD H . -5.64 -4.08 -17.16
C5 JFD H . -3.96 -4.66 -17.87
C4 JFD H . -2.80 -4.51 -16.95
O8 JFD H . -2.98 -3.99 -15.70
N3 JFD H . -1.51 -4.91 -17.42
C2 JFD H . -1.29 -5.49 -18.77
O9 JFD H . -0.01 -5.83 -19.09
N1 JFD H . -2.43 -5.67 -19.73
C6 JFD H . -3.75 -5.24 -19.26
N7 JFD H . -4.83 -5.39 -20.16
S DMS I . -2.83 13.24 -11.59
O DMS I . -3.40 14.53 -12.64
C1 DMS I . -1.40 13.93 -10.68
C2 DMS I . -4.02 13.02 -10.22
BR JFD J . 16.03 7.30 0.80
C5 JFD J . 16.85 5.76 1.67
C4 JFD J . 16.04 4.51 1.95
O8 JFD J . 14.78 4.52 1.58
N3 JFD J . 16.61 3.36 2.61
C2 JFD J . 18.02 3.42 3.00
O9 JFD J . 18.55 2.38 3.60
N1 JFD J . 18.87 4.61 2.73
C6 JFD J . 18.28 5.79 2.07
N7 JFD J . 19.05 6.95 1.81
#